data_3KDR
#
_entry.id   3KDR
#
_cell.length_a   340.068
_cell.length_b   340.068
_cell.length_c   340.068
_cell.angle_alpha   90.00
_cell.angle_beta   90.00
_cell.angle_gamma   90.00
#
_symmetry.space_group_name_H-M   'F 4 3 2'
#
loop_
_entity.id
_entity.type
_entity.pdbx_description
1 polymer 'HK97 Family Phage Portal Protein'
2 non-polymer 'PHOSPHATE ION'
3 non-polymer GLYCEROL
4 non-polymer 'SULFATE ION'
5 water water
#
_entity_poly.entity_id   1
_entity_poly.type   'polypeptide(L)'
_entity_poly.pdbx_seq_one_letter_code
;DDSLGEAVTTRAEALTIPAVLRARNLLSTTVARTPLVCDGTLPPFVPVAAPPGAAT(MSE)QTPFHR(MSE)LATADDLL
FNGVACWALDRDESGTCIGAIHIPLDTWQIEENTVRVNGKAVDP(MSE)EVCIFVGIHGGLLTHASETFTDARNLVRAAA
RVAQNPAALIELRQTNNAQLSPDDVDRIINGYVAARRGRNSGVGFSSSGLEVHEHE(MSE)AKENLLIEGRNAAAVDVAR
A(MSE)NVPAAFIDATVGGTSLSYQNAASR(MSE)IELVTFGVEPL(MSE)SAIEARLNQPD(MSE)HADHLANPLKFDP
AALLDAIPTTPTIGAQPHGENS
;
_entity_poly.pdbx_strand_id   A,B,C
#
loop_
_chem_comp.id
_chem_comp.type
_chem_comp.name
_chem_comp.formula
GOL non-polymer GLYCEROL 'C3 H8 O3'
PO4 non-polymer 'PHOSPHATE ION' 'O4 P -3'
SO4 non-polymer 'SULFATE ION' 'O4 S -2'
#
# COMPACT_ATOMS: atom_id res chain seq x y z
N ALA A 7 -0.40 -14.98 -3.59
CA ALA A 7 -0.99 -13.69 -4.05
C ALA A 7 -1.28 -12.87 -2.79
N VAL A 8 -1.26 -11.53 -2.94
CA VAL A 8 -1.50 -10.63 -1.83
C VAL A 8 -2.97 -10.38 -1.84
N THR A 9 -3.68 -10.91 -0.84
CA THR A 9 -5.12 -10.82 -0.78
C THR A 9 -5.63 -10.21 0.53
N THR A 10 -4.73 -9.97 1.47
CA THR A 10 -5.14 -9.42 2.74
C THR A 10 -4.41 -8.14 2.99
N ARG A 11 -4.93 -7.33 3.87
CA ARG A 11 -4.29 -6.09 4.24
C ARG A 11 -2.94 -6.35 4.89
N ALA A 12 -2.89 -7.33 5.75
CA ALA A 12 -1.63 -7.62 6.42
C ALA A 12 -0.54 -7.78 5.39
N GLU A 13 -0.83 -8.54 4.34
CA GLU A 13 0.18 -8.82 3.38
C GLU A 13 0.47 -7.55 2.59
N ALA A 14 -0.54 -6.74 2.33
CA ALA A 14 -0.35 -5.55 1.51
C ALA A 14 0.61 -4.58 2.16
N LEU A 15 0.53 -4.57 3.49
CA LEU A 15 1.18 -3.57 4.27
C LEU A 15 2.61 -3.95 4.52
N THR A 16 3.02 -5.09 3.98
CA THR A 16 4.40 -5.49 3.99
C THR A 16 5.11 -4.99 2.75
N ILE A 17 4.36 -4.37 1.85
CA ILE A 17 4.99 -3.67 0.71
C ILE A 17 5.28 -2.23 1.11
N PRO A 18 6.55 -1.84 1.22
CA PRO A 18 6.83 -0.53 1.83
C PRO A 18 6.09 0.66 1.25
N ALA A 19 5.98 0.67 -0.07
CA ALA A 19 5.22 1.71 -0.77
C ALA A 19 3.77 1.70 -0.38
N VAL A 20 3.20 0.53 -0.10
CA VAL A 20 1.81 0.48 0.30
C VAL A 20 1.76 1.12 1.64
N LEU A 21 2.68 0.77 2.52
CA LEU A 21 2.64 1.34 3.85
C LEU A 21 2.79 2.83 3.72
N ARG A 22 3.76 3.27 2.97
CA ARG A 22 4.04 4.68 2.96
C ARG A 22 2.82 5.42 2.43
N ALA A 23 2.22 4.90 1.39
CA ALA A 23 1.11 5.54 0.76
C ALA A 23 -0.02 5.58 1.73
N ARG A 24 -0.18 4.50 2.45
CA ARG A 24 -1.27 4.46 3.37
C ARG A 24 -1.09 5.35 4.54
N ASN A 25 0.12 5.60 4.98
CA ASN A 25 0.27 6.45 6.10
C ASN A 25 -0.12 7.83 5.66
N LEU A 26 0.34 8.27 4.52
CA LEU A 26 0.05 9.62 4.08
C LEU A 26 -1.41 9.85 3.89
N LEU A 27 -2.10 8.86 3.38
CA LEU A 27 -3.52 9.03 3.22
C LEU A 27 -4.28 8.95 4.53
N SER A 28 -4.26 7.77 5.14
CA SER A 28 -5.03 7.55 6.34
C SER A 28 -4.67 8.48 7.49
N THR A 29 -3.40 8.62 7.82
CA THR A 29 -3.04 9.50 8.94
C THR A 29 -3.46 10.91 8.72
N THR A 30 -3.46 11.34 7.46
CA THR A 30 -3.79 12.73 7.14
C THR A 30 -5.25 12.94 7.36
N VAL A 31 -6.08 11.98 6.97
CA VAL A 31 -7.49 12.13 7.31
C VAL A 31 -7.65 12.19 8.82
N ALA A 32 -7.04 11.24 9.52
CA ALA A 32 -7.18 11.13 10.96
C ALA A 32 -6.86 12.44 11.72
N ARG A 33 -5.87 13.18 11.24
CA ARG A 33 -5.45 14.41 11.91
C ARG A 33 -6.36 15.59 11.61
N THR A 34 -7.30 15.44 10.70
CA THR A 34 -7.99 16.60 10.22
C THR A 34 -9.27 16.71 10.96
N PRO A 35 -9.57 17.88 11.49
CA PRO A 35 -10.75 18.07 12.29
C PRO A 35 -12.01 18.07 11.49
N LEU A 36 -13.05 17.53 12.06
CA LEU A 36 -14.38 17.73 11.54
C LEU A 36 -14.95 18.92 12.25
N VAL A 37 -15.43 19.87 11.50
CA VAL A 37 -15.76 21.15 12.10
C VAL A 37 -17.18 21.50 11.70
N CYS A 38 -17.83 22.35 12.47
CA CYS A 38 -19.23 22.67 12.20
C CYS A 38 -19.56 24.14 12.39
N ASP A 39 -20.42 24.67 11.53
CA ASP A 39 -20.89 26.02 11.66
C ASP A 39 -21.74 26.16 12.89
N GLY A 40 -22.52 25.13 13.21
CA GLY A 40 -23.37 25.12 14.40
C GLY A 40 -22.58 24.70 15.61
N THR A 41 -23.20 23.87 16.46
CA THR A 41 -22.48 23.21 17.55
C THR A 41 -22.19 21.79 17.11
N LEU A 42 -21.09 21.25 17.60
CA LEU A 42 -20.60 19.95 17.14
C LEU A 42 -21.53 18.85 17.56
N PRO A 43 -21.83 17.94 16.64
CA PRO A 43 -22.46 16.67 17.01
C PRO A 43 -21.62 15.94 18.06
N PRO A 44 -22.28 15.47 19.09
CA PRO A 44 -21.56 14.99 20.27
C PRO A 44 -20.57 13.85 20.00
N PHE A 45 -20.77 13.07 18.94
CA PHE A 45 -19.89 11.91 18.66
C PHE A 45 -18.55 12.34 18.12
N VAL A 46 -18.45 13.57 17.64
CA VAL A 46 -17.24 13.98 17.00
C VAL A 46 -16.07 13.97 17.98
N PRO A 47 -16.25 14.53 19.17
CA PRO A 47 -15.14 14.53 20.14
C PRO A 47 -15.03 13.25 20.92
N VAL A 48 -16.03 12.38 20.82
CA VAL A 48 -16.01 11.22 21.67
C VAL A 48 -16.22 9.92 20.87
N ALA A 49 -15.25 9.03 20.93
CA ALA A 49 -15.38 7.74 20.32
C ALA A 49 -15.78 6.76 21.45
N ALA A 50 -14.75 6.22 22.13
CA ALA A 50 -14.96 5.33 23.27
C ALA A 50 -15.31 6.22 24.43
N PRO A 51 -16.14 5.71 25.32
CA PRO A 51 -16.46 6.43 26.51
C PRO A 51 -15.29 6.38 27.48
N PRO A 52 -15.36 7.20 28.53
CA PRO A 52 -14.18 7.27 29.38
C PRO A 52 -13.87 5.94 29.98
N GLY A 53 -12.58 5.64 30.07
CA GLY A 53 -12.14 4.32 30.40
C GLY A 53 -10.77 4.50 30.92
N ALA A 54 -10.08 3.41 31.20
CA ALA A 54 -8.94 3.50 32.08
C ALA A 54 -7.60 3.05 31.57
N ALA A 55 -7.50 2.07 30.67
CA ALA A 55 -6.12 1.70 30.33
C ALA A 55 -5.81 1.88 28.86
N THR A 56 -6.72 1.35 28.01
CA THR A 56 -6.73 1.64 26.60
C THR A 56 -8.16 1.70 26.02
N MSE A 57 -8.34 2.54 24.99
CA MSE A 57 -9.63 2.83 24.42
C MSE A 57 -9.41 3.39 23.08
O MSE A 57 -8.32 3.91 22.80
CB MSE A 57 -10.42 3.92 25.15
CG MSE A 57 -9.98 4.25 26.54
SE MSE A 57 -8.48 5.42 26.50
CE MSE A 57 -9.09 6.34 24.95
N GLN A 58 -10.46 3.40 22.27
CA GLN A 58 -10.37 3.94 20.96
C GLN A 58 -10.56 5.42 21.02
N THR A 59 -9.52 6.14 20.70
CA THR A 59 -9.60 7.58 20.64
C THR A 59 -10.24 7.95 19.31
N PRO A 60 -10.76 9.18 19.23
CA PRO A 60 -11.40 9.64 18.02
C PRO A 60 -10.48 9.65 16.84
N PHE A 61 -9.20 9.89 17.09
CA PHE A 61 -8.13 9.83 16.07
C PHE A 61 -8.07 8.43 15.51
N HIS A 62 -8.05 7.47 16.40
CA HIS A 62 -7.95 6.10 15.95
C HIS A 62 -9.20 5.56 15.22
N ARG A 63 -10.34 6.15 15.51
CA ARG A 63 -11.56 5.78 14.87
C ARG A 63 -11.43 6.23 13.46
N MSE A 64 -11.00 7.45 13.26
CA MSE A 64 -10.90 7.94 11.90
C MSE A 64 -9.83 7.19 11.11
O MSE A 64 -10.03 6.81 9.98
CB MSE A 64 -10.58 9.42 11.92
CG MSE A 64 -10.91 10.09 10.61
SE MSE A 64 -12.76 9.72 9.93
CE MSE A 64 -13.68 11.25 10.81
N LEU A 65 -8.69 6.97 11.76
CA LEU A 65 -7.60 6.24 11.14
C LEU A 65 -8.12 4.92 10.69
N ALA A 66 -8.83 4.24 11.58
CA ALA A 66 -9.28 2.88 11.28
C ALA A 66 -10.31 2.94 10.17
N THR A 67 -11.16 3.93 10.22
CA THR A 67 -12.18 4.11 9.21
C THR A 67 -11.59 4.40 7.87
N ALA A 68 -10.59 5.26 7.80
CA ALA A 68 -9.89 5.55 6.55
C ALA A 68 -9.28 4.30 5.90
N ASP A 69 -8.64 3.50 6.72
CA ASP A 69 -8.07 2.29 6.20
C ASP A 69 -9.10 1.37 5.66
N ASP A 70 -10.22 1.28 6.35
CA ASP A 70 -11.26 0.35 5.97
C ASP A 70 -11.78 0.78 4.62
N LEU A 71 -11.96 2.07 4.46
CA LEU A 71 -12.55 2.55 3.23
C LEU A 71 -11.58 2.31 2.11
N LEU A 72 -10.32 2.57 2.38
CA LEU A 72 -9.32 2.39 1.39
C LEU A 72 -9.05 0.96 0.95
N PHE A 73 -8.93 0.08 1.90
CA PHE A 73 -8.64 -1.28 1.56
C PHE A 73 -9.84 -2.12 1.19
N ASN A 74 -10.96 -1.86 1.84
CA ASN A 74 -12.16 -2.64 1.57
C ASN A 74 -13.35 -1.89 0.99
N GLY A 75 -13.29 -0.58 0.86
CA GLY A 75 -14.39 0.17 0.24
C GLY A 75 -15.60 0.49 1.14
N VAL A 76 -15.61 0.00 2.39
CA VAL A 76 -16.70 0.22 3.33
C VAL A 76 -16.16 0.21 4.73
N ALA A 77 -16.93 0.75 5.67
CA ALA A 77 -16.50 0.80 7.08
C ALA A 77 -17.72 1.03 7.95
N CYS A 78 -17.61 0.63 9.21
CA CYS A 78 -18.71 0.70 10.14
C CYS A 78 -18.41 1.27 11.51
N TRP A 79 -19.32 2.04 12.04
CA TRP A 79 -19.21 2.55 13.38
C TRP A 79 -20.35 1.97 14.14
N ALA A 80 -20.11 1.57 15.38
CA ALA A 80 -21.18 1.18 16.30
C ALA A 80 -21.60 2.43 17.06
N LEU A 81 -22.84 2.83 16.88
CA LEU A 81 -23.32 4.09 17.41
C LEU A 81 -23.83 3.99 18.83
N ASP A 82 -23.55 5.02 19.61
CA ASP A 82 -24.17 5.19 20.92
C ASP A 82 -25.25 6.28 20.88
N ARG A 83 -26.49 5.92 21.18
CA ARG A 83 -27.55 6.91 21.10
C ARG A 83 -28.16 7.20 22.43
N ASP A 84 -28.52 8.47 22.62
CA ASP A 84 -29.19 8.89 23.88
C ASP A 84 -30.68 8.57 23.77
N GLU A 85 -31.41 8.77 24.87
CA GLU A 85 -32.85 8.43 24.93
C GLU A 85 -33.66 9.24 23.89
N SER A 86 -33.15 10.42 23.51
CA SER A 86 -33.73 11.21 22.41
C SER A 86 -33.46 10.62 21.03
N GLY A 87 -32.54 9.65 20.96
CA GLY A 87 -32.17 8.98 19.72
C GLY A 87 -31.18 9.74 18.86
N THR A 88 -30.25 10.46 19.48
CA THR A 88 -29.17 11.08 18.72
C THR A 88 -27.84 10.44 19.13
N CYS A 89 -26.94 10.35 18.15
CA CYS A 89 -25.65 9.76 18.39
C CYS A 89 -24.79 10.66 19.23
N ILE A 90 -24.44 10.16 20.41
CA ILE A 90 -23.52 10.89 21.27
C ILE A 90 -22.14 10.23 21.40
N GLY A 91 -21.96 9.11 20.73
CA GLY A 91 -20.64 8.48 20.65
C GLY A 91 -20.66 7.45 19.55
N ALA A 92 -19.51 7.22 18.94
CA ALA A 92 -19.39 6.21 17.89
C ALA A 92 -18.00 5.59 17.95
N ILE A 93 -17.97 4.29 17.79
CA ILE A 93 -16.75 3.51 17.94
C ILE A 93 -16.58 2.76 16.64
N HIS A 94 -15.38 2.78 16.09
CA HIS A 94 -15.14 2.02 14.89
C HIS A 94 -15.01 0.59 15.30
N ILE A 95 -15.59 -0.31 14.49
CA ILE A 95 -15.56 -1.72 14.78
C ILE A 95 -14.93 -2.42 13.62
N PRO A 96 -14.23 -3.53 13.87
CA PRO A 96 -13.51 -4.27 12.82
C PRO A 96 -14.40 -4.98 11.86
N LEU A 97 -13.92 -5.15 10.63
CA LEU A 97 -14.73 -5.63 9.55
C LEU A 97 -15.11 -7.07 9.72
N ASP A 98 -14.19 -7.88 10.23
CA ASP A 98 -14.51 -9.27 10.56
C ASP A 98 -15.54 -9.41 11.68
N THR A 99 -16.08 -8.30 12.17
CA THR A 99 -17.13 -8.37 13.15
C THR A 99 -18.49 -7.91 12.67
N TRP A 100 -18.64 -7.50 11.41
CA TRP A 100 -19.97 -7.18 10.86
C TRP A 100 -20.11 -7.60 9.39
N GLN A 101 -21.33 -7.86 8.96
CA GLN A 101 -21.59 -8.26 7.59
C GLN A 101 -22.95 -7.69 7.29
N ILE A 102 -23.26 -7.60 6.00
CA ILE A 102 -24.52 -7.04 5.56
C ILE A 102 -25.19 -8.08 4.67
N GLU A 103 -25.97 -8.95 5.32
CA GLU A 103 -26.61 -10.11 4.68
C GLU A 103 -27.72 -9.72 3.68
N GLU A 104 -28.75 -9.03 4.16
CA GLU A 104 -29.87 -8.61 3.28
C GLU A 104 -29.78 -7.10 2.99
N ASN A 105 -30.76 -6.34 3.48
CA ASN A 105 -30.58 -4.92 3.77
C ASN A 105 -30.39 -4.84 5.29
N THR A 106 -30.00 -5.96 5.90
CA THR A 106 -29.86 -6.13 7.35
C THR A 106 -28.42 -6.42 7.78
N VAL A 107 -28.04 -5.81 8.89
CA VAL A 107 -26.67 -5.74 9.34
C VAL A 107 -26.53 -6.56 10.59
N ARG A 108 -25.49 -7.37 10.67
CA ARG A 108 -25.31 -8.19 11.85
C ARG A 108 -23.91 -7.98 12.36
N VAL A 109 -23.77 -7.77 13.66
CA VAL A 109 -22.47 -7.65 14.26
C VAL A 109 -22.27 -8.75 15.24
N ASN A 110 -21.10 -9.38 15.11
CA ASN A 110 -20.91 -10.69 15.70
C ASN A 110 -22.08 -11.48 15.13
N GLY A 111 -22.70 -12.35 15.87
CA GLY A 111 -23.79 -13.13 15.27
C GLY A 111 -25.01 -12.25 14.98
N LYS A 112 -25.41 -11.50 16.01
CA LYS A 112 -26.75 -10.99 16.06
C LYS A 112 -27.08 -9.92 15.00
N ALA A 113 -28.30 -9.99 14.51
CA ALA A 113 -28.89 -8.95 13.69
C ALA A 113 -29.03 -7.72 14.56
N VAL A 114 -29.12 -6.56 13.93
CA VAL A 114 -29.05 -5.34 14.68
C VAL A 114 -29.87 -4.26 14.02
N ASP A 115 -30.29 -3.31 14.81
CA ASP A 115 -31.14 -2.26 14.33
C ASP A 115 -30.27 -1.27 13.57
N PRO A 116 -30.73 -0.88 12.37
CA PRO A 116 -30.04 0.07 11.51
C PRO A 116 -29.59 1.29 12.25
N MSE A 117 -30.31 1.64 13.29
CA MSE A 117 -29.96 2.82 14.03
C MSE A 117 -28.79 2.58 14.98
O MSE A 117 -28.41 3.48 15.71
CB MSE A 117 -31.21 3.32 14.79
CG MSE A 117 -32.28 3.94 13.87
SE MSE A 117 -31.79 5.78 13.26
CE MSE A 117 -32.11 5.63 11.29
N GLU A 118 -28.23 1.39 15.01
CA GLU A 118 -27.11 1.15 15.90
C GLU A 118 -25.76 1.14 15.20
N VAL A 119 -25.75 1.36 13.90
CA VAL A 119 -24.50 1.33 13.16
C VAL A 119 -24.54 2.49 12.21
N CYS A 120 -23.37 2.95 11.83
CA CYS A 120 -23.23 3.87 10.74
C CYS A 120 -22.27 3.13 9.75
N ILE A 121 -22.76 2.90 8.54
CA ILE A 121 -21.99 2.23 7.49
C ILE A 121 -21.51 3.23 6.48
N PHE A 122 -20.21 3.28 6.24
CA PHE A 122 -19.71 4.21 5.26
C PHE A 122 -19.40 3.45 3.98
N VAL A 123 -19.54 4.16 2.88
CA VAL A 123 -19.26 3.62 1.59
C VAL A 123 -18.18 4.50 0.97
N GLY A 124 -17.16 3.87 0.42
CA GLY A 124 -15.94 4.59 -0.01
C GLY A 124 -16.00 5.12 -1.41
N ILE A 125 -14.85 5.34 -2.01
CA ILE A 125 -14.82 5.84 -3.39
C ILE A 125 -14.65 4.73 -4.41
N HIS A 126 -14.48 3.48 -3.95
CA HIS A 126 -14.53 2.32 -4.83
C HIS A 126 -14.67 1.08 -4.00
N GLY A 127 -14.27 -0.06 -4.52
CA GLY A 127 -14.55 -1.33 -3.89
C GLY A 127 -13.43 -1.82 -3.02
N GLY A 128 -12.36 -1.02 -2.93
CA GLY A 128 -11.22 -1.30 -2.05
C GLY A 128 -10.01 -1.82 -2.77
N LEU A 129 -8.85 -1.41 -2.27
CA LEU A 129 -7.63 -1.83 -2.92
C LEU A 129 -7.51 -3.35 -2.89
N LEU A 130 -7.99 -3.98 -1.82
CA LEU A 130 -7.85 -5.41 -1.72
C LEU A 130 -8.57 -6.11 -2.84
N THR A 131 -9.62 -5.53 -3.41
CA THR A 131 -10.21 -6.10 -4.63
C THR A 131 -9.42 -5.67 -5.87
N HIS A 132 -9.39 -4.36 -6.09
CA HIS A 132 -8.77 -3.79 -7.30
C HIS A 132 -7.27 -3.94 -7.43
N ALA A 133 -6.52 -3.81 -6.34
CA ALA A 133 -5.07 -3.74 -6.49
C ALA A 133 -4.34 -5.04 -6.14
N SER A 134 -5.06 -6.14 -6.03
CA SER A 134 -4.42 -7.37 -5.62
C SER A 134 -3.29 -7.82 -6.56
N GLU A 135 -3.44 -7.63 -7.83
CA GLU A 135 -2.41 -8.06 -8.74
C GLU A 135 -1.13 -7.24 -8.62
N THR A 136 -1.29 -5.94 -8.51
CA THR A 136 -0.15 -5.04 -8.40
C THR A 136 0.59 -5.30 -7.13
N PHE A 137 -0.14 -5.47 -6.04
CA PHE A 137 0.50 -5.74 -4.80
C PHE A 137 1.29 -7.02 -4.96
N THR A 138 0.66 -8.04 -5.53
CA THR A 138 1.35 -9.29 -5.71
C THR A 138 2.62 -9.11 -6.52
N ASP A 139 2.47 -8.48 -7.68
CA ASP A 139 3.62 -8.15 -8.52
C ASP A 139 4.69 -7.35 -7.78
N ALA A 140 4.32 -6.34 -7.02
CA ALA A 140 5.32 -5.52 -6.38
C ALA A 140 6.13 -6.35 -5.41
N ARG A 141 5.43 -7.18 -4.67
CA ARG A 141 6.06 -8.00 -3.69
C ARG A 141 6.97 -8.98 -4.40
N ASN A 142 6.44 -9.73 -5.35
CA ASN A 142 7.23 -10.82 -5.94
C ASN A 142 8.45 -10.28 -6.61
N LEU A 143 8.37 -9.05 -7.03
CA LEU A 143 9.46 -8.46 -7.77
C LEU A 143 10.64 -8.22 -6.88
N VAL A 144 10.39 -7.72 -5.69
CA VAL A 144 11.47 -7.53 -4.73
C VAL A 144 12.13 -8.87 -4.31
N ARG A 145 11.33 -9.91 -4.16
CA ARG A 145 11.82 -11.26 -3.83
C ARG A 145 12.61 -11.87 -4.96
N ALA A 146 12.22 -11.58 -6.18
CA ALA A 146 12.92 -12.08 -7.35
C ALA A 146 14.35 -11.57 -7.35
N ALA A 147 14.48 -10.28 -7.10
CA ALA A 147 15.79 -9.64 -7.13
C ALA A 147 16.66 -10.28 -6.08
N ALA A 148 16.09 -10.65 -4.96
CA ALA A 148 16.90 -11.24 -3.89
C ALA A 148 17.41 -12.64 -4.29
N ARG A 149 16.57 -13.46 -4.91
CA ARG A 149 17.02 -14.76 -5.46
C ARG A 149 18.07 -14.47 -6.51
N VAL A 150 17.72 -13.60 -7.44
CA VAL A 150 18.46 -13.44 -8.63
C VAL A 150 19.81 -12.81 -8.52
N ALA A 151 20.04 -12.02 -7.51
CA ALA A 151 21.26 -11.22 -7.50
C ALA A 151 22.49 -12.10 -7.37
N GLN A 152 22.34 -13.24 -6.71
CA GLN A 152 23.41 -14.22 -6.65
C GLN A 152 23.21 -15.47 -7.47
N ASN A 153 21.98 -15.76 -7.90
CA ASN A 153 21.65 -16.93 -8.70
C ASN A 153 20.81 -16.48 -9.84
N PRO A 154 21.47 -15.81 -10.77
CA PRO A 154 20.84 -15.28 -11.94
C PRO A 154 20.27 -16.34 -12.92
N ALA A 155 20.67 -17.58 -12.81
CA ALA A 155 20.26 -18.56 -13.77
C ALA A 155 18.96 -19.22 -13.32
N ALA A 156 17.91 -19.07 -14.10
CA ALA A 156 16.61 -19.61 -13.74
C ALA A 156 16.58 -21.10 -13.81
N LEU A 157 17.41 -21.71 -14.67
CA LEU A 157 17.43 -23.13 -14.85
C LEU A 157 18.86 -23.63 -14.87
N ILE A 158 19.18 -24.60 -14.06
CA ILE A 158 20.46 -25.25 -14.13
C ILE A 158 20.28 -26.59 -14.78
N GLU A 159 21.18 -26.95 -15.67
CA GLU A 159 21.10 -28.23 -16.34
C GLU A 159 22.31 -28.99 -15.92
N LEU A 160 22.09 -30.22 -15.49
CA LEU A 160 23.16 -31.14 -15.24
C LEU A 160 23.11 -32.10 -16.39
N ARG A 161 24.15 -32.05 -17.20
CA ARG A 161 24.10 -32.74 -18.45
C ARG A 161 24.99 -33.97 -18.36
N GLN A 162 24.42 -35.16 -18.60
CA GLN A 162 25.24 -36.31 -18.54
C GLN A 162 25.95 -36.39 -19.89
N THR A 163 27.25 -36.46 -19.80
CA THR A 163 28.14 -36.51 -20.94
C THR A 163 28.44 -37.92 -21.49
N ASN A 164 28.55 -38.93 -20.61
CA ASN A 164 28.77 -40.33 -21.07
C ASN A 164 27.46 -41.07 -21.31
N ASN A 165 27.49 -42.41 -21.27
CA ASN A 165 26.29 -43.25 -21.54
C ASN A 165 26.04 -44.23 -20.37
N ALA A 166 26.58 -43.89 -19.19
CA ALA A 166 26.25 -44.58 -17.95
C ALA A 166 24.74 -44.71 -17.85
N GLN A 167 24.32 -45.73 -17.13
CA GLN A 167 22.92 -46.06 -16.98
C GLN A 167 22.57 -45.54 -15.62
N LEU A 168 21.80 -44.49 -15.59
CA LEU A 168 21.48 -43.91 -14.33
C LEU A 168 20.09 -44.32 -14.07
N SER A 169 19.70 -44.19 -12.82
CA SER A 169 18.38 -44.55 -12.35
C SER A 169 17.72 -43.34 -11.81
N PRO A 170 16.39 -43.34 -11.80
CA PRO A 170 15.70 -42.13 -11.40
C PRO A 170 16.22 -41.60 -10.08
N ASP A 171 16.53 -42.50 -9.15
CA ASP A 171 17.12 -42.19 -7.85
C ASP A 171 18.56 -41.76 -7.97
N ASP A 172 19.33 -42.40 -8.87
CA ASP A 172 20.67 -41.90 -9.17
C ASP A 172 20.58 -40.42 -9.55
N VAL A 173 19.96 -40.16 -10.71
CA VAL A 173 19.68 -38.81 -11.19
C VAL A 173 19.19 -38.01 -10.01
N ASP A 174 18.27 -38.60 -9.28
CA ASP A 174 17.53 -37.86 -8.30
C ASP A 174 18.50 -37.33 -7.29
N ARG A 175 19.44 -38.15 -6.84
CA ARG A 175 20.37 -37.71 -5.79
C ARG A 175 21.45 -36.74 -6.31
N ILE A 176 21.92 -36.98 -7.53
CA ILE A 176 22.83 -36.06 -8.25
C ILE A 176 22.35 -34.60 -8.31
N ILE A 177 21.09 -34.39 -8.68
CA ILE A 177 20.45 -33.10 -8.61
C ILE A 177 20.64 -32.59 -7.20
N ASN A 178 20.35 -33.49 -6.26
CA ASN A 178 20.37 -33.15 -4.81
C ASN A 178 21.75 -32.63 -4.40
N GLY A 179 22.78 -33.23 -4.99
CA GLY A 179 24.17 -32.79 -4.84
C GLY A 179 24.30 -31.33 -5.17
N TYR A 180 23.76 -30.94 -6.33
CA TYR A 180 23.83 -29.57 -6.81
C TYR A 180 22.95 -28.68 -6.00
N VAL A 181 21.74 -29.12 -5.69
CA VAL A 181 20.86 -28.27 -4.88
C VAL A 181 21.55 -27.97 -3.57
N ALA A 182 22.31 -28.96 -3.11
CA ALA A 182 23.06 -28.89 -1.86
C ALA A 182 24.07 -27.80 -1.96
N ALA A 183 24.90 -27.89 -3.00
CA ALA A 183 26.01 -26.99 -3.20
C ALA A 183 25.48 -25.59 -3.46
N ARG A 184 24.39 -25.50 -4.19
CA ARG A 184 23.78 -24.24 -4.43
C ARG A 184 23.32 -23.62 -3.11
N ARG A 185 23.13 -24.45 -2.07
CA ARG A 185 22.90 -24.00 -0.67
C ARG A 185 24.21 -23.74 0.18
N GLY A 186 25.35 -24.26 -0.32
CA GLY A 186 26.71 -24.00 0.23
C GLY A 186 27.40 -25.22 0.82
N ARG A 187 27.23 -26.41 0.24
CA ARG A 187 27.68 -27.67 0.91
C ARG A 187 29.21 -27.78 1.09
N ASN A 188 30.00 -27.39 0.10
CA ASN A 188 31.46 -27.33 0.28
C ASN A 188 31.91 -25.98 -0.27
N SER A 189 31.40 -24.93 0.36
CA SER A 189 31.60 -23.58 -0.11
C SER A 189 31.06 -23.51 -1.51
N GLY A 190 29.91 -24.15 -1.74
CA GLY A 190 29.40 -24.22 -3.09
C GLY A 190 30.45 -24.80 -4.02
N VAL A 191 30.94 -25.98 -3.66
CA VAL A 191 31.77 -26.82 -4.50
C VAL A 191 30.91 -28.07 -4.84
N GLY A 192 30.85 -28.43 -6.12
CA GLY A 192 30.17 -29.64 -6.61
C GLY A 192 31.18 -30.43 -7.45
N PHE A 193 31.01 -31.75 -7.56
CA PHE A 193 31.93 -32.54 -8.40
C PHE A 193 31.30 -33.20 -9.59
N SER A 194 31.76 -32.73 -10.76
CA SER A 194 31.26 -33.22 -12.05
C SER A 194 32.07 -34.41 -12.58
N SER A 195 31.41 -35.56 -12.42
CA SER A 195 31.98 -36.89 -12.58
C SER A 195 31.98 -37.31 -14.04
N SER A 196 32.93 -36.72 -14.81
CA SER A 196 33.47 -37.24 -16.11
C SER A 196 32.48 -37.66 -17.13
N GLY A 197 31.25 -37.83 -16.65
CA GLY A 197 30.06 -37.86 -17.46
C GLY A 197 29.06 -36.74 -17.11
N LEU A 198 29.42 -35.75 -16.27
CA LEU A 198 28.53 -34.63 -15.93
C LEU A 198 29.12 -33.23 -16.24
N GLU A 199 28.27 -32.34 -16.72
CA GLU A 199 28.62 -30.96 -16.99
C GLU A 199 27.46 -30.10 -16.53
N VAL A 200 27.76 -29.03 -15.81
CA VAL A 200 26.76 -28.10 -15.31
C VAL A 200 26.63 -26.97 -16.28
N HIS A 201 25.41 -26.74 -16.75
CA HIS A 201 25.13 -25.62 -17.64
C HIS A 201 24.03 -24.75 -17.11
N GLU A 202 24.29 -23.45 -17.02
CA GLU A 202 23.30 -22.46 -16.59
C GLU A 202 22.54 -21.92 -17.77
N HIS A 203 21.22 -21.84 -17.66
CA HIS A 203 20.34 -21.31 -18.72
C HIS A 203 19.36 -20.31 -18.14
N GLU A 204 18.77 -19.47 -18.97
CA GLU A 204 17.79 -18.51 -18.50
C GLU A 204 18.39 -17.52 -17.50
N MSE A 205 19.38 -16.77 -17.95
CA MSE A 205 19.95 -15.73 -17.16
C MSE A 205 19.02 -14.56 -17.05
O MSE A 205 18.60 -13.99 -18.07
CB MSE A 205 21.25 -15.24 -17.79
CG MSE A 205 22.31 -16.31 -17.99
SE MSE A 205 22.89 -17.06 -16.27
CE MSE A 205 23.72 -15.42 -15.50
N ALA A 206 18.79 -14.15 -15.80
CA ALA A 206 17.87 -13.10 -15.43
C ALA A 206 18.21 -11.80 -16.10
N LYS A 207 17.18 -11.06 -16.45
CA LYS A 207 17.29 -9.70 -17.01
C LYS A 207 17.28 -8.66 -15.91
N GLU A 208 18.42 -8.11 -15.56
CA GLU A 208 18.49 -7.27 -14.38
C GLU A 208 17.82 -5.94 -14.62
N ASN A 209 18.00 -5.36 -15.79
CA ASN A 209 17.40 -4.05 -15.99
C ASN A 209 15.90 -4.12 -15.82
N LEU A 210 15.31 -5.11 -16.43
CA LEU A 210 13.90 -5.29 -16.33
C LEU A 210 13.50 -5.50 -14.87
N LEU A 211 14.38 -6.05 -14.07
CA LEU A 211 14.10 -6.14 -12.64
C LEU A 211 14.32 -4.79 -11.93
N ILE A 212 15.36 -4.05 -12.31
CA ILE A 212 15.67 -2.79 -11.67
C ILE A 212 14.61 -1.77 -12.01
N GLU A 213 14.23 -1.72 -13.29
CA GLU A 213 13.18 -0.79 -13.74
C GLU A 213 11.83 -1.23 -13.23
N GLY A 214 11.58 -2.51 -13.30
CA GLY A 214 10.33 -3.02 -12.83
C GLY A 214 10.05 -2.69 -11.39
N ARG A 215 11.08 -2.65 -10.58
CA ARG A 215 10.87 -2.28 -9.19
C ARG A 215 10.35 -0.88 -9.08
N ASN A 216 10.95 0.06 -9.75
CA ASN A 216 10.40 1.41 -9.71
C ASN A 216 8.99 1.48 -10.32
N ALA A 217 8.78 0.80 -11.45
CA ALA A 217 7.50 0.75 -12.09
C ALA A 217 6.44 0.25 -11.15
N ALA A 218 6.81 -0.72 -10.33
CA ALA A 218 5.87 -1.34 -9.40
C ALA A 218 5.41 -0.28 -8.42
N ALA A 219 6.36 0.48 -7.93
CA ALA A 219 6.11 1.45 -6.92
C ALA A 219 5.18 2.52 -7.42
N VAL A 220 5.37 2.90 -8.69
CA VAL A 220 4.58 3.93 -9.34
C VAL A 220 3.17 3.40 -9.56
N ASP A 221 3.06 2.10 -9.83
CA ASP A 221 1.77 1.47 -9.96
C ASP A 221 1.05 1.49 -8.64
N VAL A 222 1.78 1.31 -7.55
CA VAL A 222 1.19 1.36 -6.22
C VAL A 222 0.65 2.74 -5.94
N ALA A 223 1.46 3.76 -6.21
CA ALA A 223 0.99 5.14 -6.05
C ALA A 223 -0.28 5.35 -6.85
N ARG A 224 -0.33 4.86 -8.06
CA ARG A 224 -1.49 5.10 -8.90
C ARG A 224 -2.68 4.53 -8.27
N ALA A 225 -2.56 3.28 -7.84
CA ALA A 225 -3.67 2.60 -7.22
C ALA A 225 -4.13 3.32 -5.96
N MSE A 226 -3.23 3.95 -5.24
CA MSE A 226 -3.61 4.50 -3.96
C MSE A 226 -3.82 5.98 -4.03
O MSE A 226 -4.00 6.65 -3.03
CB MSE A 226 -2.55 4.14 -2.97
CG MSE A 226 -2.44 2.68 -2.92
SE MSE A 226 -1.61 2.07 -1.37
CE MSE A 226 -2.81 2.65 0.03
N ASN A 227 -3.85 6.46 -5.27
CA ASN A 227 -4.21 7.81 -5.54
C ASN A 227 -3.24 8.79 -4.92
N VAL A 228 -1.96 8.50 -4.97
CA VAL A 228 -0.98 9.41 -4.47
C VAL A 228 0.02 9.68 -5.59
N PRO A 229 0.65 10.83 -5.61
CA PRO A 229 1.69 11.02 -6.58
C PRO A 229 2.91 10.17 -6.33
N ALA A 230 3.47 9.61 -7.38
CA ALA A 230 4.62 8.77 -7.17
C ALA A 230 5.78 9.50 -6.47
N ALA A 231 5.93 10.82 -6.60
CA ALA A 231 7.02 11.55 -5.93
C ALA A 231 6.87 11.49 -4.43
N PHE A 232 5.64 11.32 -3.96
CA PHE A 232 5.39 11.33 -2.51
C PHE A 232 5.86 10.10 -1.86
N ILE A 233 5.78 8.97 -2.54
CA ILE A 233 6.35 7.75 -2.01
C ILE A 233 7.72 7.50 -2.57
N ASP A 234 8.32 8.52 -3.15
CA ASP A 234 9.72 8.52 -3.56
C ASP A 234 10.05 7.59 -4.72
N ALA A 235 9.06 7.35 -5.56
CA ALA A 235 9.21 6.61 -6.77
C ALA A 235 9.68 7.63 -7.76
N THR A 236 10.20 7.18 -8.90
CA THR A 236 10.85 8.05 -9.85
C THR A 236 10.05 8.19 -11.12
N VAL A 237 10.01 9.40 -11.65
CA VAL A 237 9.37 9.62 -12.94
C VAL A 237 10.28 10.43 -13.85
N GLY A 238 10.93 9.78 -14.81
CA GLY A 238 11.87 10.48 -15.72
C GLY A 238 11.96 12.02 -15.59
N GLN A 245 9.58 22.32 -3.44
CA GLN A 245 8.31 22.47 -2.76
C GLN A 245 8.44 22.48 -1.23
N ASN A 246 7.66 23.35 -0.60
CA ASN A 246 7.60 23.42 0.89
C ASN A 246 6.45 22.62 1.50
N ALA A 247 6.62 22.26 2.76
CA ALA A 247 5.65 21.41 3.41
C ALA A 247 4.23 21.87 3.10
N ALA A 248 3.98 23.16 3.16
CA ALA A 248 2.65 23.65 2.92
C ALA A 248 2.11 23.23 1.56
N SER A 249 2.84 23.46 0.47
CA SER A 249 2.42 22.97 -0.87
C SER A 249 2.11 21.48 -0.98
N ARG A 250 2.93 20.64 -0.35
CA ARG A 250 2.75 19.23 -0.46
C ARG A 250 1.50 18.80 0.23
N MSE A 251 1.23 19.40 1.38
CA MSE A 251 0.06 19.04 2.12
C MSE A 251 -1.15 19.35 1.27
O MSE A 251 -2.09 18.54 1.14
CB MSE A 251 0.01 19.84 3.41
CG MSE A 251 -1.04 19.33 4.35
SE MSE A 251 -1.00 17.38 4.60
CE MSE A 251 -0.07 17.26 6.31
N ILE A 252 -1.11 20.51 0.63
CA ILE A 252 -2.18 20.96 -0.19
C ILE A 252 -2.34 20.06 -1.38
N GLU A 253 -1.21 19.72 -1.95
CA GLU A 253 -1.17 18.80 -3.03
C GLU A 253 -1.72 17.45 -2.57
N LEU A 254 -1.27 16.98 -1.42
CA LEU A 254 -1.70 15.68 -0.97
C LEU A 254 -3.17 15.68 -0.66
N VAL A 255 -3.67 16.79 -0.15
CA VAL A 255 -5.08 16.89 0.22
C VAL A 255 -5.97 17.00 -0.99
N THR A 256 -5.62 17.86 -1.92
CA THR A 256 -6.52 18.22 -3.05
C THR A 256 -6.83 17.03 -3.90
N PHE A 257 -5.79 16.26 -4.25
CA PHE A 257 -6.00 15.08 -5.06
C PHE A 257 -5.93 13.80 -4.21
N GLY A 258 -5.05 13.75 -3.22
CA GLY A 258 -4.91 12.53 -2.42
C GLY A 258 -6.09 12.13 -1.55
N VAL A 259 -6.45 13.04 -0.68
CA VAL A 259 -7.27 12.71 0.44
C VAL A 259 -8.69 13.25 0.36
N GLU A 260 -8.92 14.31 -0.40
CA GLU A 260 -10.27 14.88 -0.46
C GLU A 260 -11.34 13.90 -0.95
N PRO A 261 -10.96 12.95 -1.78
CA PRO A 261 -11.96 11.99 -2.18
C PRO A 261 -12.46 11.17 -1.00
N LEU A 262 -11.59 10.79 -0.07
CA LEU A 262 -12.09 10.06 1.06
C LEU A 262 -12.92 10.96 1.94
N MSE A 263 -12.41 12.15 2.18
CA MSE A 263 -13.03 13.03 3.09
C MSE A 263 -14.42 13.29 2.58
O MSE A 263 -15.38 13.31 3.35
CB MSE A 263 -12.24 14.31 3.15
CG MSE A 263 -10.99 14.18 3.92
SE MSE A 263 -9.87 15.80 3.96
CE MSE A 263 -10.76 16.82 2.58
N SER A 264 -14.55 13.47 1.27
CA SER A 264 -15.85 13.72 0.68
C SER A 264 -16.80 12.54 0.92
N ALA A 265 -16.33 11.32 0.74
CA ALA A 265 -17.18 10.16 1.03
C ALA A 265 -17.63 10.09 2.49
N ILE A 266 -16.70 10.36 3.40
CA ILE A 266 -16.99 10.29 4.81
C ILE A 266 -17.89 11.41 5.18
N GLU A 267 -17.64 12.59 4.63
CA GLU A 267 -18.52 13.74 4.86
C GLU A 267 -19.95 13.45 4.43
N ALA A 268 -20.13 12.91 3.24
CA ALA A 268 -21.46 12.50 2.72
C ALA A 268 -22.23 11.62 3.70
N ARG A 269 -21.58 10.67 4.32
CA ARG A 269 -22.27 9.79 5.22
C ARG A 269 -22.64 10.56 6.48
N LEU A 270 -21.69 11.32 6.99
CA LEU A 270 -21.90 11.96 8.24
C LEU A 270 -22.99 12.99 8.12
N ASN A 271 -23.16 13.51 6.92
CA ASN A 271 -24.20 14.52 6.72
C ASN A 271 -25.57 13.94 6.42
N GLN A 272 -25.98 13.00 7.25
CA GLN A 272 -27.28 12.44 7.11
C GLN A 272 -28.00 12.56 8.44
N PRO A 273 -29.32 12.51 8.39
CA PRO A 273 -30.12 12.78 9.53
C PRO A 273 -29.86 11.85 10.66
N ASP A 274 -29.51 10.60 10.41
CA ASP A 274 -29.22 9.75 11.57
C ASP A 274 -28.03 10.29 12.31
N MSE A 275 -27.07 10.85 11.60
CA MSE A 275 -25.86 11.33 12.25
C MSE A 275 -25.88 12.81 12.66
O MSE A 275 -25.43 13.14 13.75
CB MSE A 275 -24.67 11.08 11.34
CG MSE A 275 -24.43 9.62 11.09
SE MSE A 275 -24.24 8.53 12.71
CE MSE A 275 -22.58 9.17 13.53
N HIS A 276 -26.36 13.67 11.77
CA HIS A 276 -26.25 15.11 11.94
C HIS A 276 -27.53 15.85 11.52
N ALA A 277 -28.33 16.17 12.53
CA ALA A 277 -29.66 16.71 12.31
C ALA A 277 -29.67 18.01 11.49
N ASP A 278 -28.70 18.88 11.74
CA ASP A 278 -28.72 20.21 11.13
C ASP A 278 -27.88 20.26 9.86
N HIS A 279 -27.74 19.13 9.22
CA HIS A 279 -26.82 19.00 8.09
C HIS A 279 -27.21 19.83 6.89
N LEU A 280 -28.50 20.07 6.74
CA LEU A 280 -29.03 20.81 5.60
C LEU A 280 -28.50 22.24 5.71
N ALA A 281 -28.73 22.82 6.89
CA ALA A 281 -28.33 24.19 7.20
C ALA A 281 -26.85 24.31 7.54
N ASN A 282 -26.38 23.46 8.45
CA ASN A 282 -24.99 23.52 8.98
C ASN A 282 -24.21 22.23 8.83
N PRO A 283 -23.76 21.95 7.61
CA PRO A 283 -23.10 20.68 7.33
C PRO A 283 -21.75 20.57 8.01
N LEU A 284 -21.39 19.31 8.28
CA LEU A 284 -20.12 18.90 8.85
C LEU A 284 -19.10 18.79 7.75
N LYS A 285 -17.94 19.40 7.98
CA LYS A 285 -16.90 19.41 6.96
C LYS A 285 -15.57 19.08 7.63
N PHE A 286 -14.66 18.45 6.89
CA PHE A 286 -13.29 18.32 7.38
C PHE A 286 -12.66 19.68 7.25
N ASP A 287 -11.65 19.95 8.06
CA ASP A 287 -11.02 21.24 8.05
C ASP A 287 -9.52 21.14 7.80
N PRO A 288 -9.13 20.92 6.55
CA PRO A 288 -7.75 20.72 6.21
C PRO A 288 -6.90 21.96 6.47
N ALA A 289 -7.54 23.14 6.50
CA ALA A 289 -6.83 24.35 6.84
C ALA A 289 -6.18 24.19 8.23
N ALA A 290 -6.77 23.36 9.11
CA ALA A 290 -6.13 23.14 10.39
C ALA A 290 -4.77 22.49 10.21
N LEU A 291 -4.65 21.60 9.22
CA LEU A 291 -3.36 20.93 9.00
C LEU A 291 -2.28 21.95 8.65
N LEU A 292 -2.65 22.94 7.87
CA LEU A 292 -1.71 23.98 7.50
C LEU A 292 -1.35 24.95 8.62
N ASP A 293 -2.31 25.26 9.48
CA ASP A 293 -2.07 26.08 10.68
C ASP A 293 -1.13 25.40 11.66
N ALA A 294 -1.21 24.07 11.71
CA ALA A 294 -0.35 23.33 12.57
C ALA A 294 1.12 23.52 12.16
N ILE A 295 1.36 23.63 10.83
CA ILE A 295 2.73 23.75 10.34
C ILE A 295 3.34 24.94 11.00
N PRO A 296 4.46 24.77 11.71
CA PRO A 296 5.18 25.88 12.32
C PRO A 296 5.66 26.89 11.27
N THR A 297 6.12 28.08 11.69
CA THR A 297 6.51 29.18 10.73
C THR A 297 8.03 29.54 10.59
N GLU B 6 -8.72 -13.84 -22.67
CA GLU B 6 -8.08 -13.12 -21.50
C GLU B 6 -8.17 -11.56 -21.64
N ALA B 7 -9.13 -11.13 -22.47
CA ALA B 7 -9.30 -9.73 -22.80
C ALA B 7 -9.84 -9.05 -21.57
N VAL B 8 -9.64 -7.75 -21.50
CA VAL B 8 -10.20 -6.98 -20.42
C VAL B 8 -11.48 -6.41 -20.98
N THR B 9 -12.61 -6.98 -20.60
CA THR B 9 -13.89 -6.57 -21.16
C THR B 9 -14.80 -5.96 -20.13
N THR B 10 -14.47 -6.09 -18.84
CA THR B 10 -15.32 -5.59 -17.80
C THR B 10 -14.65 -4.53 -16.99
N ARG B 11 -15.47 -3.75 -16.29
CA ARG B 11 -15.00 -2.67 -15.45
C ARG B 11 -14.09 -3.19 -14.36
N ALA B 12 -14.58 -4.22 -13.69
CA ALA B 12 -13.77 -4.89 -12.68
C ALA B 12 -12.37 -5.14 -13.19
N GLU B 13 -12.29 -5.72 -14.39
CA GLU B 13 -10.99 -6.07 -14.90
C GLU B 13 -10.22 -4.78 -15.15
N ALA B 14 -10.87 -3.79 -15.74
CA ALA B 14 -10.18 -2.52 -16.02
C ALA B 14 -9.60 -1.90 -14.77
N LEU B 15 -10.37 -1.95 -13.69
CA LEU B 15 -9.94 -1.29 -12.49
C LEU B 15 -8.79 -1.95 -11.83
N THR B 16 -8.38 -3.15 -12.28
CA THR B 16 -7.13 -3.76 -11.78
C THR B 16 -5.84 -3.22 -12.42
N ILE B 17 -5.96 -2.33 -13.39
CA ILE B 17 -4.81 -1.68 -14.00
C ILE B 17 -4.62 -0.36 -13.30
N PRO B 18 -3.51 -0.21 -12.61
CA PRO B 18 -3.44 0.96 -11.75
C PRO B 18 -3.61 2.27 -12.46
N ALA B 19 -3.07 2.44 -13.65
CA ALA B 19 -3.28 3.65 -14.40
C ALA B 19 -4.78 3.90 -14.61
N VAL B 20 -5.55 2.84 -14.87
CA VAL B 20 -6.94 3.02 -15.16
C VAL B 20 -7.56 3.51 -13.90
N LEU B 21 -7.21 2.89 -12.79
CA LEU B 21 -7.81 3.26 -11.52
C LEU B 21 -7.43 4.64 -11.16
N ARG B 22 -6.20 5.02 -11.36
CA ARG B 22 -5.77 6.34 -10.95
C ARG B 22 -6.47 7.41 -11.79
N ALA B 23 -6.55 7.21 -13.11
CA ALA B 23 -7.27 8.13 -13.98
C ALA B 23 -8.73 8.23 -13.62
N ARG B 24 -9.36 7.06 -13.47
CA ARG B 24 -10.74 7.03 -13.03
C ARG B 24 -11.00 7.84 -11.76
N ASN B 25 -10.15 7.86 -10.77
CA ASN B 25 -10.46 8.67 -9.63
C ASN B 25 -10.24 10.12 -9.86
N LEU B 26 -9.18 10.47 -10.51
CA LEU B 26 -9.00 11.85 -10.85
C LEU B 26 -10.26 12.32 -11.54
N LEU B 27 -10.83 11.50 -12.41
CA LEU B 27 -11.99 11.94 -13.21
C LEU B 27 -13.33 11.86 -12.51
N SER B 28 -13.73 10.67 -12.12
CA SER B 28 -14.98 10.48 -11.39
C SER B 28 -15.09 11.23 -10.06
N THR B 29 -14.03 11.21 -9.30
CA THR B 29 -14.03 11.82 -7.97
C THR B 29 -14.28 13.31 -8.05
N THR B 30 -13.66 13.94 -9.05
CA THR B 30 -13.75 15.38 -9.20
C THR B 30 -15.12 15.76 -9.56
N VAL B 31 -15.74 15.02 -10.45
CA VAL B 31 -17.11 15.33 -10.79
C VAL B 31 -17.97 15.24 -9.54
N ALA B 32 -17.91 14.13 -8.83
CA ALA B 32 -18.73 13.97 -7.64
C ALA B 32 -18.45 15.05 -6.62
N ARG B 33 -17.25 15.55 -6.59
CA ARG B 33 -16.96 16.60 -5.64
C ARG B 33 -17.53 17.95 -6.02
N THR B 34 -17.78 18.19 -7.29
CA THR B 34 -18.11 19.54 -7.66
C THR B 34 -19.60 19.75 -7.66
N PRO B 35 -20.06 20.85 -7.09
CA PRO B 35 -21.51 21.04 -6.93
C PRO B 35 -22.16 21.53 -8.16
N LEU B 36 -23.47 21.36 -8.22
CA LEU B 36 -24.33 21.91 -9.25
C LEU B 36 -24.94 23.20 -8.75
N VAL B 37 -25.11 24.15 -9.65
CA VAL B 37 -25.33 25.51 -9.23
C VAL B 37 -26.23 26.21 -10.22
N CYS B 38 -26.86 27.29 -9.82
CA CYS B 38 -27.97 27.81 -10.55
C CYS B 38 -28.28 29.20 -10.08
N ASP B 39 -28.70 30.06 -10.99
CA ASP B 39 -29.29 31.32 -10.60
C ASP B 39 -30.74 31.01 -10.38
N GLY B 40 -31.34 31.55 -9.35
CA GLY B 40 -32.72 31.18 -9.03
C GLY B 40 -32.75 29.74 -8.53
N THR B 41 -33.95 29.20 -8.33
CA THR B 41 -34.13 28.05 -7.44
C THR B 41 -33.59 26.76 -7.98
N LEU B 42 -32.75 26.17 -7.18
CA LEU B 42 -32.11 24.91 -7.49
C LEU B 42 -33.17 23.83 -7.52
N PRO B 43 -33.19 23.01 -8.58
CA PRO B 43 -34.11 21.88 -8.66
C PRO B 43 -33.93 20.99 -7.45
N PRO B 44 -35.04 20.52 -6.86
CA PRO B 44 -35.04 19.77 -5.62
C PRO B 44 -34.25 18.47 -5.66
N PHE B 45 -34.06 17.86 -6.84
CA PHE B 45 -33.30 16.61 -6.96
C PHE B 45 -31.80 16.80 -6.77
N VAL B 46 -31.34 18.03 -6.81
CA VAL B 46 -29.93 18.26 -6.73
C VAL B 46 -29.40 17.86 -5.36
N PRO B 47 -30.00 18.34 -4.29
CA PRO B 47 -29.41 17.99 -3.01
C PRO B 47 -29.94 16.66 -2.45
N VAL B 48 -30.95 16.08 -3.11
CA VAL B 48 -31.59 14.88 -2.60
C VAL B 48 -31.61 13.71 -3.58
N ALA B 49 -30.91 12.64 -3.20
CA ALA B 49 -31.02 11.39 -3.91
C ALA B 49 -32.08 10.53 -3.23
N ALA B 50 -31.65 9.69 -2.28
CA ALA B 50 -32.56 8.76 -1.61
C ALA B 50 -33.01 9.36 -0.28
N PRO B 51 -34.34 9.46 -0.08
CA PRO B 51 -34.90 10.09 1.12
C PRO B 51 -34.60 9.38 2.43
N ALA B 55 -35.15 2.94 2.34
CA ALA B 55 -34.50 1.63 2.35
C ALA B 55 -32.98 1.81 2.36
N THR B 56 -32.33 1.68 1.19
CA THR B 56 -30.87 1.95 1.06
C THR B 56 -30.59 3.41 0.60
N MSE B 57 -29.99 4.21 1.48
CA MSE B 57 -29.66 5.60 1.13
C MSE B 57 -28.52 5.60 0.13
O MSE B 57 -27.61 4.76 0.19
CB MSE B 57 -29.27 6.46 2.35
CG MSE B 57 -27.79 6.31 2.86
SE MSE B 57 -27.60 5.85 4.81
CE MSE B 57 -27.93 7.58 5.73
N GLN B 58 -28.60 6.54 -0.80
CA GLN B 58 -27.53 6.80 -1.67
C GLN B 58 -27.29 8.28 -1.53
N THR B 59 -26.08 8.62 -1.12
CA THR B 59 -25.67 10.00 -1.00
C THR B 59 -25.56 10.65 -2.38
N PRO B 60 -25.83 11.96 -2.46
CA PRO B 60 -25.65 12.67 -3.72
C PRO B 60 -24.28 12.44 -4.29
N PHE B 61 -23.28 12.43 -3.42
CA PHE B 61 -21.89 12.20 -3.82
C PHE B 61 -21.85 10.91 -4.57
N HIS B 62 -22.34 9.85 -3.95
CA HIS B 62 -22.36 8.56 -4.61
C HIS B 62 -23.16 8.53 -5.89
N ARG B 63 -24.21 9.32 -5.98
CA ARG B 63 -25.03 9.35 -7.18
C ARG B 63 -24.19 9.87 -8.33
N MSE B 64 -23.44 10.93 -8.07
CA MSE B 64 -22.67 11.53 -9.14
C MSE B 64 -21.52 10.63 -9.51
O MSE B 64 -21.24 10.40 -10.68
CB MSE B 64 -22.17 12.90 -8.73
CG MSE B 64 -21.79 13.73 -9.93
SE MSE B 64 -23.19 13.73 -11.36
CE MSE B 64 -24.46 14.98 -10.55
N LEU B 65 -20.83 10.15 -8.49
CA LEU B 65 -19.67 9.32 -8.68
C LEU B 65 -20.08 8.14 -9.51
N ALA B 66 -21.20 7.55 -9.16
CA ALA B 66 -21.68 6.35 -9.86
C ALA B 66 -21.99 6.66 -11.33
N THR B 67 -22.60 7.80 -11.50
CA THR B 67 -23.00 8.28 -12.78
C THR B 67 -21.77 8.55 -13.61
N ALA B 68 -20.81 9.22 -13.02
CA ALA B 68 -19.58 9.56 -13.73
C ALA B 68 -18.86 8.25 -14.18
N ASP B 69 -18.89 7.19 -13.38
CA ASP B 69 -18.27 5.97 -13.80
C ASP B 69 -18.99 5.33 -14.92
N ASP B 70 -20.31 5.38 -14.90
CA ASP B 70 -21.11 4.72 -15.92
C ASP B 70 -20.83 5.33 -17.27
N LEU B 71 -20.72 6.65 -17.28
CA LEU B 71 -20.60 7.35 -18.51
C LEU B 71 -19.26 7.14 -19.12
N LEU B 72 -18.27 7.05 -18.28
CA LEU B 72 -16.91 6.78 -18.68
C LEU B 72 -16.69 5.37 -19.25
N PHE B 73 -17.11 4.38 -18.49
CA PHE B 73 -16.95 2.99 -18.89
C PHE B 73 -17.93 2.50 -19.88
N ASN B 74 -19.20 2.81 -19.70
CA ASN B 74 -20.22 2.34 -20.64
C ASN B 74 -20.86 3.38 -21.56
N GLY B 75 -20.56 4.66 -21.36
CA GLY B 75 -21.08 5.70 -22.25
C GLY B 75 -22.53 6.13 -22.00
N VAL B 76 -23.13 5.65 -20.92
CA VAL B 76 -24.53 5.83 -20.73
C VAL B 76 -24.79 5.66 -19.25
N ALA B 77 -25.84 6.27 -18.71
CA ALA B 77 -26.16 6.16 -17.26
C ALA B 77 -27.66 6.39 -17.00
N CYS B 78 -28.24 5.76 -16.01
CA CYS B 78 -29.62 6.04 -15.70
C CYS B 78 -29.87 6.48 -14.29
N TRP B 79 -30.63 7.57 -14.11
CA TRP B 79 -31.20 7.87 -12.77
C TRP B 79 -32.63 7.39 -12.70
N ALA B 80 -33.06 6.90 -11.54
CA ALA B 80 -34.49 6.66 -11.29
C ALA B 80 -35.09 7.83 -10.53
N LEU B 81 -36.07 8.44 -11.19
CA LEU B 81 -36.71 9.67 -10.76
C LEU B 81 -37.90 9.44 -9.86
N ASP B 82 -37.98 10.29 -8.87
CA ASP B 82 -39.16 10.41 -8.07
C ASP B 82 -39.68 11.79 -8.42
N ARG B 83 -40.61 11.85 -9.36
CA ARG B 83 -41.32 13.08 -9.64
C ARG B 83 -42.48 12.96 -8.73
N ASP B 84 -42.58 13.84 -7.76
CA ASP B 84 -43.78 13.82 -6.99
C ASP B 84 -44.49 15.02 -7.53
N GLU B 85 -44.07 16.18 -7.04
CA GLU B 85 -44.76 17.43 -7.31
C GLU B 85 -45.28 17.22 -8.71
N SER B 86 -46.61 17.27 -8.87
CA SER B 86 -47.21 16.79 -10.10
C SER B 86 -46.70 17.67 -11.24
N GLY B 87 -45.84 17.00 -12.04
CA GLY B 87 -44.79 17.61 -12.86
C GLY B 87 -43.37 17.29 -12.39
N THR B 88 -42.90 18.06 -11.40
CA THR B 88 -41.46 18.22 -11.18
C THR B 88 -40.76 17.02 -10.53
N CYS B 89 -39.46 16.93 -10.83
CA CYS B 89 -38.63 15.86 -10.31
C CYS B 89 -38.06 16.35 -9.01
N ILE B 90 -38.36 15.63 -7.92
CA ILE B 90 -37.91 16.04 -6.58
C ILE B 90 -36.83 15.16 -5.97
N GLY B 91 -36.53 14.05 -6.63
CA GLY B 91 -35.37 13.23 -6.26
C GLY B 91 -35.01 12.33 -7.40
N ALA B 92 -33.74 11.96 -7.46
CA ALA B 92 -33.27 10.92 -8.37
C ALA B 92 -32.17 10.11 -7.70
N ILE B 93 -32.18 8.80 -7.93
CA ILE B 93 -31.12 7.98 -7.37
C ILE B 93 -30.43 7.28 -8.54
N HIS B 94 -29.13 7.08 -8.45
CA HIS B 94 -28.44 6.34 -9.47
C HIS B 94 -28.79 4.87 -9.39
N ILE B 95 -28.97 4.22 -10.53
CA ILE B 95 -29.25 2.78 -10.56
C ILE B 95 -28.31 2.05 -11.55
N PRO B 96 -27.84 0.86 -11.21
CA PRO B 96 -26.85 0.15 -11.93
C PRO B 96 -27.25 -0.18 -13.33
N LEU B 97 -26.28 -0.51 -14.16
CA LEU B 97 -26.51 -0.63 -15.57
C LEU B 97 -27.17 -1.90 -15.93
N ASP B 98 -27.05 -2.87 -15.06
CA ASP B 98 -27.57 -4.19 -15.39
C ASP B 98 -29.00 -4.28 -14.91
N THR B 99 -29.47 -3.16 -14.37
CA THR B 99 -30.78 -2.97 -13.85
C THR B 99 -31.68 -2.30 -14.84
N TRP B 100 -31.13 -1.76 -15.92
CA TRP B 100 -31.99 -1.25 -16.96
C TRP B 100 -31.44 -1.57 -18.33
N GLN B 101 -32.29 -1.44 -19.34
CA GLN B 101 -31.89 -1.64 -20.73
C GLN B 101 -32.90 -0.88 -21.55
N ILE B 102 -32.57 -0.63 -22.82
CA ILE B 102 -33.53 -0.10 -23.77
C ILE B 102 -33.89 -1.15 -24.79
N GLU B 103 -35.14 -1.66 -24.71
CA GLU B 103 -35.76 -2.53 -25.76
C GLU B 103 -35.98 -1.66 -27.00
N GLU B 104 -36.86 -2.01 -27.93
CA GLU B 104 -36.88 -1.28 -29.23
C GLU B 104 -36.79 0.27 -29.04
N ASN B 105 -37.82 0.84 -28.45
CA ASN B 105 -37.79 2.23 -28.02
C ASN B 105 -38.08 2.36 -26.50
N THR B 106 -38.74 1.35 -25.94
CA THR B 106 -39.14 1.36 -24.54
C THR B 106 -37.96 1.17 -23.62
N VAL B 107 -38.10 1.61 -22.39
CA VAL B 107 -37.07 1.42 -21.39
C VAL B 107 -37.62 0.54 -20.28
N ARG B 108 -36.79 -0.38 -19.77
CA ARG B 108 -37.27 -1.39 -18.83
C ARG B 108 -36.31 -1.41 -17.66
N VAL B 109 -36.86 -1.30 -16.46
CA VAL B 109 -36.08 -1.40 -15.25
C VAL B 109 -36.52 -2.67 -14.54
N ASN B 110 -35.54 -3.55 -14.28
CA ASN B 110 -35.73 -4.84 -13.60
C ASN B 110 -36.61 -5.75 -14.43
N GLY B 111 -36.61 -5.53 -15.73
CA GLY B 111 -37.45 -6.31 -16.63
C GLY B 111 -38.87 -5.80 -16.82
N LYS B 112 -39.35 -4.94 -15.91
CA LYS B 112 -40.65 -4.30 -16.04
C LYS B 112 -40.51 -2.99 -16.84
N ALA B 113 -41.23 -2.88 -17.96
CA ALA B 113 -41.26 -1.69 -18.80
C ALA B 113 -41.76 -0.51 -18.00
N VAL B 114 -41.15 0.64 -18.21
CA VAL B 114 -41.33 1.82 -17.36
C VAL B 114 -41.80 3.04 -18.14
N ASP B 115 -42.44 3.96 -17.45
CA ASP B 115 -42.84 5.19 -18.09
C ASP B 115 -41.59 6.04 -18.27
N PRO B 116 -41.40 6.57 -19.47
CA PRO B 116 -40.26 7.41 -19.76
C PRO B 116 -40.00 8.47 -18.73
N MSE B 117 -41.01 8.97 -18.08
CA MSE B 117 -40.81 10.04 -17.15
C MSE B 117 -40.38 9.56 -15.81
O MSE B 117 -40.27 10.36 -14.90
CB MSE B 117 -42.09 10.80 -16.99
CG MSE B 117 -42.47 11.53 -18.23
SE MSE B 117 -41.77 13.35 -18.20
CE MSE B 117 -41.24 13.53 -20.10
N GLU B 118 -40.14 8.26 -15.65
CA GLU B 118 -39.74 7.71 -14.36
C GLU B 118 -38.24 7.66 -14.31
N VAL B 119 -37.62 8.06 -15.39
CA VAL B 119 -36.26 7.69 -15.63
C VAL B 119 -35.51 8.84 -16.31
N CYS B 120 -34.24 8.96 -16.02
CA CYS B 120 -33.42 9.96 -16.68
C CYS B 120 -32.19 9.27 -17.20
N ILE B 121 -32.05 9.21 -18.50
CA ILE B 121 -30.91 8.52 -19.08
C ILE B 121 -29.89 9.51 -19.55
N PHE B 122 -28.63 9.23 -19.31
CA PHE B 122 -27.58 10.09 -19.72
C PHE B 122 -26.82 9.44 -20.84
N VAL B 123 -26.36 10.27 -21.77
CA VAL B 123 -25.47 9.83 -22.82
C VAL B 123 -24.14 10.54 -22.61
N GLY B 124 -23.06 9.83 -22.86
CA GLY B 124 -21.73 10.33 -22.52
C GLY B 124 -21.08 11.03 -23.66
N ILE B 125 -19.76 11.11 -23.63
CA ILE B 125 -19.01 11.78 -24.68
C ILE B 125 -18.47 10.80 -25.70
N HIS B 126 -18.74 9.51 -25.54
CA HIS B 126 -18.47 8.51 -26.58
C HIS B 126 -19.11 7.23 -26.13
N GLY B 127 -18.86 6.12 -26.80
CA GLY B 127 -19.49 4.85 -26.44
C GLY B 127 -19.03 4.20 -25.14
N GLY B 128 -17.96 4.71 -24.53
CA GLY B 128 -17.47 4.15 -23.26
C GLY B 128 -16.16 3.38 -23.40
N LEU B 129 -15.35 3.41 -22.36
CA LEU B 129 -14.04 2.79 -22.43
C LEU B 129 -14.07 1.31 -22.69
N LEU B 130 -15.02 0.63 -22.09
CA LEU B 130 -15.09 -0.78 -22.26
C LEU B 130 -15.32 -1.14 -23.74
N THR B 131 -15.89 -0.26 -24.51
CA THR B 131 -15.94 -0.49 -25.93
C THR B 131 -14.66 -0.09 -26.62
N HIS B 132 -14.26 1.16 -26.51
CA HIS B 132 -13.07 1.59 -27.23
C HIS B 132 -11.72 1.20 -26.65
N ALA B 133 -11.56 1.13 -25.34
CA ALA B 133 -10.24 0.86 -24.78
C ALA B 133 -10.03 -0.58 -24.36
N SER B 134 -10.81 -1.52 -24.82
CA SER B 134 -10.59 -2.92 -24.40
C SER B 134 -9.22 -3.46 -24.82
N GLU B 135 -8.86 -3.25 -26.06
CA GLU B 135 -7.54 -3.63 -26.53
C GLU B 135 -6.38 -3.03 -25.70
N THR B 136 -6.43 -1.74 -25.43
CA THR B 136 -5.30 -1.06 -24.79
C THR B 136 -5.21 -1.51 -23.38
N PHE B 137 -6.36 -1.63 -22.72
CA PHE B 137 -6.38 -2.15 -21.38
C PHE B 137 -5.81 -3.57 -21.37
N THR B 138 -6.21 -4.39 -22.32
CA THR B 138 -5.71 -5.74 -22.37
C THR B 138 -4.20 -5.74 -22.50
N ASP B 139 -3.70 -4.88 -23.38
CA ASP B 139 -2.25 -4.78 -23.54
C ASP B 139 -1.54 -4.30 -22.28
N ALA B 140 -2.15 -3.37 -21.56
CA ALA B 140 -1.47 -2.76 -20.44
C ALA B 140 -1.36 -3.77 -19.33
N ARG B 141 -2.38 -4.58 -19.18
CA ARG B 141 -2.40 -5.58 -18.15
C ARG B 141 -1.41 -6.63 -18.52
N ASN B 142 -1.47 -7.07 -19.78
CA ASN B 142 -0.66 -8.23 -20.22
C ASN B 142 0.80 -7.95 -20.09
N LEU B 143 1.15 -6.68 -20.28
CA LEU B 143 2.53 -6.29 -20.39
C LEU B 143 3.20 -6.49 -19.08
N VAL B 144 2.49 -6.14 -18.02
CA VAL B 144 3.01 -6.31 -16.69
C VAL B 144 3.11 -7.79 -16.43
N ARG B 145 2.22 -8.56 -17.00
CA ARG B 145 2.29 -10.01 -16.84
C ARG B 145 3.42 -10.56 -17.63
N ALA B 146 3.65 -9.99 -18.80
CA ALA B 146 4.80 -10.44 -19.58
C ALA B 146 6.07 -10.25 -18.77
N ALA B 147 6.28 -9.05 -18.20
CA ALA B 147 7.50 -8.76 -17.46
C ALA B 147 7.70 -9.68 -16.30
N ALA B 148 6.63 -10.09 -15.65
CA ALA B 148 6.78 -11.01 -14.50
C ALA B 148 7.15 -12.43 -14.97
N ARG B 149 6.56 -12.94 -16.05
CA ARG B 149 6.99 -14.25 -16.56
C ARG B 149 8.47 -14.14 -16.89
N VAL B 150 8.86 -13.07 -17.58
CA VAL B 150 10.13 -13.08 -18.23
C VAL B 150 11.22 -12.53 -17.39
N ALA B 151 10.92 -12.08 -16.18
CA ALA B 151 12.02 -11.38 -15.42
C ALA B 151 13.10 -12.40 -15.18
N GLN B 152 12.61 -13.60 -14.89
CA GLN B 152 13.45 -14.72 -14.53
C GLN B 152 13.50 -15.81 -15.58
N ASN B 153 12.52 -15.84 -16.50
CA ASN B 153 12.42 -16.89 -17.50
C ASN B 153 12.36 -16.23 -18.83
N PRO B 154 13.44 -15.61 -19.20
CA PRO B 154 13.47 -14.77 -20.36
C PRO B 154 13.19 -15.49 -21.68
N ALA B 155 13.42 -16.80 -21.76
CA ALA B 155 13.32 -17.57 -23.03
C ALA B 155 11.99 -18.16 -23.10
N ALA B 156 11.25 -17.84 -24.15
CA ALA B 156 9.89 -18.34 -24.31
C ALA B 156 9.92 -19.75 -24.72
N LEU B 157 10.93 -20.10 -25.51
CA LEU B 157 11.07 -21.45 -26.04
C LEU B 157 12.29 -22.18 -25.53
N ILE B 158 12.09 -23.39 -25.07
CA ILE B 158 13.19 -24.23 -24.63
C ILE B 158 13.18 -25.47 -25.50
N GLU B 159 14.33 -25.82 -26.01
CA GLU B 159 14.45 -26.97 -26.84
C GLU B 159 15.29 -28.00 -26.09
N LEU B 160 14.83 -29.25 -26.07
CA LEU B 160 15.62 -30.35 -25.52
C LEU B 160 16.08 -31.16 -26.71
N ARG B 161 17.38 -31.31 -26.85
CA ARG B 161 17.95 -31.70 -28.10
C ARG B 161 18.70 -32.95 -27.90
N GLN B 162 18.29 -33.99 -28.61
CA GLN B 162 18.89 -35.30 -28.51
C GLN B 162 20.12 -35.35 -29.40
N THR B 163 21.21 -35.89 -28.92
CA THR B 163 22.44 -35.97 -29.75
C THR B 163 22.91 -37.40 -29.92
N ASN B 164 22.55 -38.26 -28.96
CA ASN B 164 22.75 -39.69 -29.03
C ASN B 164 21.79 -40.18 -30.09
N ASN B 165 21.78 -41.48 -30.35
CA ASN B 165 20.94 -42.01 -31.42
C ASN B 165 19.82 -42.94 -31.02
N ALA B 166 19.57 -43.02 -29.73
CA ALA B 166 18.46 -43.79 -29.22
C ALA B 166 17.17 -43.37 -29.90
N GLN B 167 16.30 -44.34 -30.17
CA GLN B 167 14.92 -44.08 -30.68
C GLN B 167 13.96 -44.02 -29.46
N LEU B 168 13.26 -42.90 -29.27
CA LEU B 168 12.43 -42.74 -28.10
C LEU B 168 10.99 -42.65 -28.52
N SER B 169 10.14 -43.30 -27.74
CA SER B 169 8.74 -43.29 -28.04
C SER B 169 8.26 -41.87 -27.85
N PRO B 170 7.14 -41.52 -28.48
CA PRO B 170 6.40 -40.32 -28.11
C PRO B 170 6.30 -40.14 -26.63
N ASP B 171 5.96 -41.23 -25.93
CA ASP B 171 5.79 -41.23 -24.50
C ASP B 171 7.07 -40.94 -23.78
N ASP B 172 8.15 -41.54 -24.27
CA ASP B 172 9.49 -41.30 -23.75
C ASP B 172 9.74 -39.79 -23.71
N VAL B 173 9.48 -39.13 -24.85
CA VAL B 173 9.81 -37.71 -24.96
C VAL B 173 8.81 -36.97 -24.13
N ASP B 174 7.57 -37.42 -24.08
CA ASP B 174 6.57 -36.71 -23.28
C ASP B 174 7.18 -36.65 -21.90
N ARG B 175 7.74 -37.77 -21.45
CA ARG B 175 8.39 -37.85 -20.13
C ARG B 175 9.56 -36.91 -19.98
N ILE B 176 10.39 -36.85 -20.99
CA ILE B 176 11.59 -36.00 -20.94
C ILE B 176 11.24 -34.53 -20.78
N ILE B 177 10.28 -34.12 -21.59
CA ILE B 177 9.77 -32.78 -21.53
C ILE B 177 9.27 -32.52 -20.13
N ASN B 178 8.57 -33.49 -19.56
CA ASN B 178 7.91 -33.24 -18.26
C ASN B 178 8.86 -32.92 -17.12
N GLY B 179 9.98 -33.59 -17.09
CA GLY B 179 10.96 -33.28 -16.06
C GLY B 179 11.42 -31.83 -16.13
N TYR B 180 11.63 -31.33 -17.35
CA TYR B 180 12.09 -29.92 -17.52
C TYR B 180 11.03 -28.90 -17.28
N VAL B 181 9.79 -29.32 -17.36
CA VAL B 181 8.68 -28.44 -17.06
C VAL B 181 8.65 -28.23 -15.57
N ALA B 182 8.80 -29.30 -14.82
CA ALA B 182 8.77 -29.23 -13.38
C ALA B 182 9.93 -28.33 -12.92
N ALA B 183 11.10 -28.55 -13.49
CA ALA B 183 12.25 -27.78 -13.15
C ALA B 183 12.03 -26.28 -13.40
N ARG B 184 11.38 -25.95 -14.50
CA ARG B 184 11.01 -24.57 -14.74
C ARG B 184 10.01 -24.07 -13.75
N ARG B 185 8.98 -24.85 -13.55
CA ARG B 185 7.93 -24.42 -12.63
C ARG B 185 8.41 -24.43 -11.21
N GLY B 186 9.73 -24.53 -11.01
CA GLY B 186 10.33 -24.48 -9.66
C GLY B 186 10.80 -25.75 -8.98
N ARG B 187 10.46 -26.94 -9.47
CA ARG B 187 10.90 -28.18 -8.77
C ARG B 187 12.45 -28.22 -8.66
N ASN B 188 12.93 -28.61 -7.48
CA ASN B 188 14.36 -28.64 -7.15
C ASN B 188 15.06 -27.29 -7.44
N SER B 189 14.31 -26.22 -7.22
CA SER B 189 14.82 -24.86 -7.41
C SER B 189 15.43 -24.71 -8.80
N GLY B 190 14.81 -25.33 -9.78
CA GLY B 190 15.24 -25.12 -11.14
C GLY B 190 16.47 -25.89 -11.50
N VAL B 191 16.70 -27.08 -10.94
CA VAL B 191 17.76 -27.95 -11.41
C VAL B 191 17.15 -29.13 -12.16
N GLY B 192 17.70 -29.43 -13.33
CA GLY B 192 17.16 -30.43 -14.20
C GLY B 192 18.27 -31.28 -14.68
N PHE B 193 17.97 -32.50 -15.10
CA PHE B 193 18.98 -33.44 -15.51
C PHE B 193 18.75 -33.80 -16.93
N SER B 194 19.73 -33.61 -17.80
CA SER B 194 19.61 -33.98 -19.20
C SER B 194 20.37 -35.24 -19.38
N SER B 195 19.71 -36.29 -19.78
CA SER B 195 20.17 -37.62 -19.54
C SER B 195 21.25 -38.22 -20.38
N SER B 196 21.32 -37.99 -21.65
CA SER B 196 22.43 -38.66 -22.24
C SER B 196 22.68 -38.14 -23.58
N GLY B 197 23.49 -37.13 -23.62
CA GLY B 197 23.61 -36.46 -24.86
C GLY B 197 22.60 -35.38 -24.95
N LEU B 198 21.51 -35.34 -24.18
CA LEU B 198 20.63 -34.23 -24.38
C LEU B 198 21.22 -32.94 -23.99
N GLU B 199 20.88 -31.89 -24.72
CA GLU B 199 21.33 -30.55 -24.40
C GLU B 199 20.12 -29.67 -24.39
N VAL B 200 20.00 -28.76 -23.43
CA VAL B 200 18.98 -27.75 -23.51
C VAL B 200 19.52 -26.54 -24.27
N HIS B 201 18.63 -25.92 -25.03
CA HIS B 201 18.96 -24.75 -25.77
C HIS B 201 17.79 -23.85 -25.62
N GLU B 202 18.08 -22.62 -25.27
CA GLU B 202 17.05 -21.65 -25.06
C GLU B 202 16.95 -20.80 -26.27
N HIS B 203 15.72 -20.50 -26.64
CA HIS B 203 15.38 -19.77 -27.83
C HIS B 203 14.34 -18.75 -27.47
N GLU B 204 14.08 -17.83 -28.38
CA GLU B 204 13.09 -16.75 -28.24
C GLU B 204 13.32 -15.99 -26.97
N MSE B 205 14.52 -15.46 -26.87
CA MSE B 205 14.92 -14.72 -25.69
C MSE B 205 14.27 -13.36 -25.67
O MSE B 205 14.44 -12.59 -26.60
CB MSE B 205 16.43 -14.53 -25.74
CG MSE B 205 17.05 -14.31 -24.42
SE MSE B 205 16.96 -16.01 -23.51
CE MSE B 205 17.99 -15.43 -21.94
N ALA B 206 13.59 -13.02 -24.58
CA ALA B 206 12.78 -11.78 -24.48
C ALA B 206 13.59 -10.53 -24.76
N LYS B 207 12.95 -9.59 -25.44
CA LYS B 207 13.49 -8.27 -25.76
C LYS B 207 13.17 -7.34 -24.61
N GLU B 208 14.15 -7.17 -23.73
CA GLU B 208 14.03 -6.46 -22.43
C GLU B 208 13.57 -5.00 -22.58
N ASN B 209 14.19 -4.30 -23.51
CA ASN B 209 13.91 -2.89 -23.60
C ASN B 209 12.51 -2.60 -24.05
N LEU B 210 11.94 -3.49 -24.82
CA LEU B 210 10.61 -3.32 -25.34
C LEU B 210 9.57 -3.49 -24.26
N LEU B 211 9.78 -4.44 -23.36
CA LEU B 211 8.92 -4.56 -22.21
C LEU B 211 9.04 -3.33 -21.32
N ILE B 212 10.26 -2.89 -21.03
CA ILE B 212 10.43 -1.71 -20.21
C ILE B 212 9.74 -0.51 -20.81
N GLU B 213 10.05 -0.24 -22.05
CA GLU B 213 9.61 0.99 -22.71
C GLU B 213 8.14 0.87 -22.95
N GLY B 214 7.74 -0.34 -23.28
CA GLY B 214 6.37 -0.63 -23.56
C GLY B 214 5.47 -0.40 -22.38
N ARG B 215 6.00 -0.61 -21.19
CA ARG B 215 5.19 -0.37 -20.01
C ARG B 215 4.77 1.06 -19.85
N ASN B 216 5.68 1.99 -20.09
CA ASN B 216 5.37 3.39 -19.97
C ASN B 216 4.41 3.80 -21.10
N ALA B 217 4.68 3.22 -22.27
CA ALA B 217 3.87 3.49 -23.44
C ALA B 217 2.46 3.05 -23.09
N ALA B 218 2.30 1.97 -22.33
CA ALA B 218 0.96 1.49 -22.04
C ALA B 218 0.30 2.49 -21.16
N ALA B 219 1.08 2.99 -20.21
CA ALA B 219 0.53 3.93 -19.27
C ALA B 219 0.10 5.20 -20.04
N VAL B 220 0.86 5.62 -21.04
CA VAL B 220 0.53 6.83 -21.73
C VAL B 220 -0.73 6.60 -22.54
N ASP B 221 -0.82 5.44 -23.16
CA ASP B 221 -2.02 5.09 -23.94
C ASP B 221 -3.29 5.04 -23.09
N VAL B 222 -3.18 4.65 -21.85
CA VAL B 222 -4.33 4.64 -20.96
C VAL B 222 -4.74 6.06 -20.66
N ALA B 223 -3.76 6.88 -20.34
CA ALA B 223 -4.02 8.29 -20.09
C ALA B 223 -4.76 8.88 -21.27
N ARG B 224 -4.33 8.52 -22.46
CA ARG B 224 -4.93 8.98 -23.68
C ARG B 224 -6.39 8.58 -23.80
N ALA B 225 -6.67 7.29 -23.61
CA ALA B 225 -8.02 6.80 -23.79
C ALA B 225 -8.90 7.48 -22.78
N MSE B 226 -8.33 7.82 -21.65
CA MSE B 226 -9.13 8.28 -20.55
C MSE B 226 -9.20 9.80 -20.46
O MSE B 226 -9.94 10.37 -19.63
CB MSE B 226 -8.61 7.65 -19.29
CG MSE B 226 -8.78 6.17 -19.39
SE MSE B 226 -8.96 5.34 -17.69
CE MSE B 226 -10.75 5.98 -17.13
N ASN B 227 -8.48 10.45 -21.34
CA ASN B 227 -8.61 11.86 -21.48
C ASN B 227 -8.05 12.63 -20.29
N VAL B 228 -7.01 12.07 -19.70
CA VAL B 228 -6.26 12.78 -18.71
C VAL B 228 -4.81 12.83 -19.19
N PRO B 229 -4.08 13.88 -18.90
CA PRO B 229 -2.74 13.92 -19.40
C PRO B 229 -1.78 13.01 -18.66
N ALA B 230 -0.89 12.40 -19.42
CA ALA B 230 -0.06 11.34 -18.93
C ALA B 230 0.68 11.69 -17.63
N ALA B 231 1.08 12.95 -17.49
CA ALA B 231 1.82 13.40 -16.30
C ALA B 231 0.92 13.25 -15.08
N PHE B 232 -0.37 13.39 -15.26
CA PHE B 232 -1.28 13.23 -14.14
C PHE B 232 -1.33 11.86 -13.49
N ILE B 233 -0.94 10.81 -14.19
CA ILE B 233 -0.91 9.49 -13.62
C ILE B 233 0.55 9.04 -13.54
N ASP B 234 1.42 10.04 -13.46
CA ASP B 234 2.84 9.75 -13.35
C ASP B 234 3.43 8.88 -14.44
N ALA B 235 3.00 9.09 -15.69
CA ALA B 235 3.53 8.46 -16.89
C ALA B 235 4.54 9.43 -17.47
N THR B 236 5.61 8.94 -18.06
CA THR B 236 6.72 9.80 -18.35
C THR B 236 6.72 10.09 -19.83
N VAL B 237 6.95 11.37 -20.16
CA VAL B 237 7.09 11.81 -21.55
C VAL B 237 8.11 12.97 -21.72
N GLN B 245 4.20 23.20 -10.71
CA GLN B 245 2.77 23.43 -10.78
C GLN B 245 2.06 23.12 -9.43
N ASN B 246 1.61 24.19 -8.76
CA ASN B 246 0.72 24.13 -7.57
C ASN B 246 -0.62 23.45 -7.78
N ALA B 247 -1.24 23.05 -6.69
CA ALA B 247 -2.53 22.36 -6.69
C ALA B 247 -3.58 23.04 -7.59
N ALA B 248 -3.73 24.36 -7.45
CA ALA B 248 -4.76 25.09 -8.17
C ALA B 248 -4.54 25.02 -9.68
N SER B 249 -3.29 25.14 -10.09
CA SER B 249 -2.95 24.92 -11.47
C SER B 249 -3.33 23.56 -12.01
N ARG B 250 -3.04 22.48 -11.29
CA ARG B 250 -3.33 21.16 -11.80
C ARG B 250 -4.80 20.89 -11.80
N MSE B 251 -5.51 21.42 -10.83
CA MSE B 251 -6.93 21.14 -10.77
C MSE B 251 -7.59 21.84 -11.93
O MSE B 251 -8.49 21.31 -12.61
CB MSE B 251 -7.49 21.61 -9.44
CG MSE B 251 -8.92 21.38 -9.26
SE MSE B 251 -9.41 19.54 -9.43
CE MSE B 251 -9.50 19.01 -7.52
N ILE B 252 -7.12 23.06 -12.19
CA ILE B 252 -7.68 23.81 -13.27
C ILE B 252 -7.42 23.06 -14.57
N GLU B 253 -6.21 22.54 -14.67
CA GLU B 253 -5.82 21.82 -15.84
C GLU B 253 -6.61 20.53 -15.98
N LEU B 254 -6.85 19.87 -14.86
CA LEU B 254 -7.52 18.61 -14.92
C LEU B 254 -8.96 18.85 -15.34
N VAL B 255 -9.54 19.90 -14.77
CA VAL B 255 -10.91 20.24 -15.02
C VAL B 255 -11.06 20.65 -16.45
N THR B 256 -10.15 21.46 -16.95
CA THR B 256 -10.35 22.08 -18.25
C THR B 256 -10.29 21.08 -19.37
N PHE B 257 -9.37 20.17 -19.30
CA PHE B 257 -9.25 19.23 -20.38
C PHE B 257 -9.70 17.87 -20.03
N GLY B 258 -9.90 17.57 -18.77
CA GLY B 258 -10.24 16.20 -18.44
C GLY B 258 -11.66 15.99 -18.03
N VAL B 259 -12.06 16.67 -16.97
CA VAL B 259 -13.35 16.41 -16.36
C VAL B 259 -14.43 17.15 -17.10
N GLU B 260 -14.07 18.31 -17.60
CA GLU B 260 -15.11 19.22 -18.06
C GLU B 260 -16.01 18.63 -19.20
N PRO B 261 -15.48 17.77 -20.07
CA PRO B 261 -16.34 17.13 -21.02
C PRO B 261 -17.40 16.20 -20.42
N LEU B 262 -17.12 15.45 -19.36
CA LEU B 262 -18.23 14.70 -18.73
C LEU B 262 -19.21 15.66 -18.13
N MSE B 263 -18.74 16.76 -17.59
CA MSE B 263 -19.62 17.69 -16.90
C MSE B 263 -20.57 18.28 -17.91
O MSE B 263 -21.72 18.46 -17.66
CB MSE B 263 -18.81 18.77 -16.20
CG MSE B 263 -17.93 18.27 -15.15
SE MSE B 263 -16.94 19.63 -14.07
CE MSE B 263 -16.72 20.99 -15.36
N SER B 264 -20.07 18.58 -19.09
CA SER B 264 -20.88 19.15 -20.11
C SER B 264 -21.98 18.19 -20.57
N ALA B 265 -21.65 16.92 -20.72
CA ALA B 265 -22.63 15.95 -21.11
C ALA B 265 -23.71 15.84 -20.02
N ILE B 266 -23.30 15.97 -18.77
CA ILE B 266 -24.23 15.74 -17.68
C ILE B 266 -25.12 16.95 -17.58
N GLU B 267 -24.57 18.14 -17.73
CA GLU B 267 -25.39 19.33 -17.64
C GLU B 267 -26.43 19.35 -18.75
N ALA B 268 -26.00 18.93 -19.94
CA ALA B 268 -26.85 18.89 -21.10
C ALA B 268 -28.19 18.20 -20.84
N ARG B 269 -28.16 17.04 -20.24
CA ARG B 269 -29.31 16.23 -19.94
C ARG B 269 -30.10 16.87 -18.89
N LEU B 270 -29.43 17.27 -17.85
CA LEU B 270 -30.07 17.92 -16.75
C LEU B 270 -30.75 19.18 -17.19
N ASN B 271 -30.24 19.87 -18.21
CA ASN B 271 -30.88 21.08 -18.61
C ASN B 271 -31.92 20.85 -19.66
N GLN B 272 -32.74 19.86 -19.44
CA GLN B 272 -33.77 19.58 -20.36
C GLN B 272 -35.04 19.72 -19.60
N PRO B 273 -36.11 20.01 -20.30
CA PRO B 273 -37.38 20.34 -19.71
C PRO B 273 -37.92 19.34 -18.73
N ASP B 274 -37.69 18.06 -18.94
CA ASP B 274 -38.18 17.04 -17.99
C ASP B 274 -37.55 17.14 -16.61
N MSE B 275 -36.32 17.67 -16.56
CA MSE B 275 -35.63 17.78 -15.28
C MSE B 275 -35.62 19.15 -14.67
O MSE B 275 -35.69 19.28 -13.46
CB MSE B 275 -34.18 17.32 -15.44
CG MSE B 275 -34.06 15.91 -15.96
SE MSE B 275 -34.65 14.56 -14.67
CE MSE B 275 -33.43 15.01 -13.19
N HIS B 276 -35.48 20.17 -15.49
CA HIS B 276 -35.29 21.53 -14.99
C HIS B 276 -35.97 22.50 -15.94
N ALA B 277 -37.22 22.85 -15.65
CA ALA B 277 -38.05 23.53 -16.65
C ALA B 277 -37.69 25.00 -16.89
N ASP B 278 -36.89 25.58 -16.00
CA ASP B 278 -36.42 26.95 -16.21
C ASP B 278 -35.00 27.02 -16.80
N HIS B 279 -34.59 25.97 -17.49
CA HIS B 279 -33.20 25.81 -17.90
C HIS B 279 -32.69 26.90 -18.84
N LEU B 280 -33.56 27.46 -19.65
CA LEU B 280 -33.13 28.42 -20.67
C LEU B 280 -32.59 29.68 -20.01
N ALA B 281 -33.42 30.30 -19.17
CA ALA B 281 -33.02 31.50 -18.44
C ALA B 281 -32.05 31.16 -17.30
N ASN B 282 -32.30 30.08 -16.57
CA ASN B 282 -31.48 29.71 -15.41
C ASN B 282 -30.90 28.31 -15.46
N PRO B 283 -29.96 28.08 -16.36
CA PRO B 283 -29.43 26.75 -16.56
C PRO B 283 -28.65 26.30 -15.40
N LEU B 284 -28.77 25.02 -15.11
CA LEU B 284 -27.97 24.30 -14.14
C LEU B 284 -26.53 24.14 -14.64
N LYS B 285 -25.56 24.34 -13.77
CA LYS B 285 -24.15 24.27 -14.16
C LYS B 285 -23.32 23.67 -13.03
N PHE B 286 -22.35 22.85 -13.39
CA PHE B 286 -21.30 22.45 -12.45
C PHE B 286 -20.46 23.65 -12.09
N ASP B 287 -19.95 23.68 -10.87
CA ASP B 287 -19.18 24.82 -10.37
C ASP B 287 -17.76 24.48 -9.94
N PRO B 288 -16.89 24.18 -10.91
CA PRO B 288 -15.52 23.81 -10.56
C PRO B 288 -14.85 24.81 -9.64
N ALA B 289 -15.24 26.08 -9.71
CA ALA B 289 -14.61 27.09 -8.85
C ALA B 289 -14.71 26.72 -7.36
N ALA B 290 -15.80 26.07 -6.98
CA ALA B 290 -15.94 25.56 -5.63
C ALA B 290 -14.77 24.68 -5.16
N LEU B 291 -14.17 23.92 -6.06
CA LEU B 291 -13.05 23.04 -5.73
C LEU B 291 -11.78 23.79 -5.40
N LEU B 292 -11.59 24.92 -6.05
CA LEU B 292 -10.41 25.73 -5.80
C LEU B 292 -10.50 26.47 -4.49
N ASP B 293 -11.72 26.79 -4.11
CA ASP B 293 -12.01 27.52 -2.88
C ASP B 293 -11.79 26.61 -1.68
N ALA B 294 -12.02 25.33 -1.88
CA ALA B 294 -11.80 24.30 -0.86
C ALA B 294 -10.32 24.07 -0.63
N ILE B 295 -9.52 24.34 -1.67
CA ILE B 295 -8.08 24.23 -1.51
C ILE B 295 -7.68 25.19 -0.42
N PRO B 296 -6.94 24.69 0.57
CA PRO B 296 -6.50 25.56 1.64
C PRO B 296 -5.51 26.60 1.17
N THR B 297 -5.42 27.67 1.92
CA THR B 297 -4.62 28.82 1.54
C THR B 297 -3.34 28.86 2.36
N THR B 298 -2.22 28.90 1.64
CA THR B 298 -0.85 28.93 2.21
C THR B 298 -0.64 30.04 3.28
N LEU C 4 23.50 -11.65 13.94
CA LEU C 4 22.49 -12.55 13.28
C LEU C 4 22.70 -12.55 11.75
N GLY C 5 22.05 -13.43 11.00
CA GLY C 5 21.04 -14.38 11.47
C GLY C 5 20.24 -14.82 10.27
N GLU C 6 18.91 -14.93 10.45
CA GLU C 6 18.01 -15.27 9.33
C GLU C 6 17.14 -14.02 9.02
N ALA C 7 15.90 -13.99 9.47
CA ALA C 7 15.02 -12.91 9.16
C ALA C 7 15.35 -11.87 10.19
N VAL C 8 14.93 -10.66 9.95
CA VAL C 8 15.15 -9.63 10.88
C VAL C 8 13.83 -9.54 11.59
N THR C 9 13.75 -9.98 12.82
CA THR C 9 12.47 -9.98 13.51
C THR C 9 12.47 -9.20 14.82
N THR C 10 13.64 -8.89 15.36
CA THR C 10 13.73 -8.18 16.62
C THR C 10 14.17 -6.77 16.38
N ARG C 11 13.88 -5.91 17.34
CA ARG C 11 14.23 -4.49 17.23
C ARG C 11 15.73 -4.29 17.14
N ALA C 12 16.45 -5.12 17.86
CA ALA C 12 17.90 -5.09 17.87
C ALA C 12 18.44 -5.42 16.50
N GLU C 13 17.89 -6.42 15.84
CA GLU C 13 18.45 -6.76 14.56
C GLU C 13 18.27 -5.51 13.64
N ALA C 14 17.07 -4.96 13.63
CA ALA C 14 16.69 -3.84 12.75
C ALA C 14 17.53 -2.62 12.91
N LEU C 15 17.86 -2.34 14.16
CA LEU C 15 18.66 -1.20 14.45
C LEU C 15 20.10 -1.38 14.00
N THR C 16 20.47 -2.59 13.58
CA THR C 16 21.78 -2.76 13.02
C THR C 16 21.81 -2.37 11.57
N ILE C 17 20.66 -2.04 11.01
CA ILE C 17 20.59 -1.51 9.64
C ILE C 17 20.65 0.03 9.65
N PRO C 18 21.68 0.59 9.06
CA PRO C 18 21.91 1.99 9.33
C PRO C 18 20.78 2.88 8.90
N ALA C 19 20.14 2.59 7.80
CA ALA C 19 19.00 3.41 7.39
C ALA C 19 17.89 3.29 8.41
N VAL C 20 17.70 2.13 9.02
CA VAL C 20 16.70 2.00 10.07
C VAL C 20 17.06 2.87 11.26
N LEU C 21 18.31 2.88 11.62
CA LEU C 21 18.72 3.56 12.82
C LEU C 21 18.61 5.07 12.59
N ARG C 22 18.90 5.48 11.37
CA ARG C 22 18.90 6.88 11.04
C ARG C 22 17.48 7.40 10.97
N ALA C 23 16.61 6.62 10.33
CA ALA C 23 15.16 6.94 10.26
C ALA C 23 14.59 6.96 11.67
N ARG C 24 15.01 5.99 12.47
CA ARG C 24 14.62 6.05 13.88
C ARG C 24 15.09 7.29 14.62
N ASN C 25 16.33 7.66 14.47
CA ASN C 25 16.82 8.79 15.24
C ASN C 25 16.04 10.02 14.86
N LEU C 26 15.86 10.24 13.58
CA LEU C 26 15.11 11.41 13.14
C LEU C 26 13.73 11.40 13.71
N LEU C 27 13.04 10.28 13.69
CA LEU C 27 11.66 10.27 14.17
C LEU C 27 11.55 10.33 15.69
N SER C 28 12.14 9.36 16.37
CA SER C 28 11.98 9.28 17.81
C SER C 28 12.62 10.39 18.61
N THR C 29 13.72 10.96 18.16
CA THR C 29 14.39 11.99 18.95
C THR C 29 13.67 13.30 18.79
N THR C 30 13.06 13.49 17.64
CA THR C 30 12.31 14.72 17.47
C THR C 30 11.12 14.72 18.39
N VAL C 31 10.39 13.61 18.42
CA VAL C 31 9.28 13.47 19.31
C VAL C 31 9.76 13.75 20.69
N ALA C 32 10.78 13.02 21.12
CA ALA C 32 11.32 13.20 22.47
C ALA C 32 11.70 14.64 22.77
N ARG C 33 12.20 15.40 21.82
CA ARG C 33 12.65 16.74 22.14
C ARG C 33 11.53 17.73 22.18
N THR C 34 10.37 17.31 21.74
CA THR C 34 9.34 18.28 21.53
C THR C 34 8.48 18.42 22.78
N PRO C 35 8.36 19.63 23.30
CA PRO C 35 7.66 19.81 24.53
C PRO C 35 6.18 19.50 24.42
N LEU C 36 5.65 18.95 25.50
CA LEU C 36 4.23 18.80 25.65
C LEU C 36 3.71 20.04 26.39
N VAL C 37 2.57 20.58 25.96
CA VAL C 37 2.23 21.92 26.29
C VAL C 37 0.71 22.11 26.46
N CYS C 38 0.34 23.05 27.32
CA CYS C 38 -1.06 23.21 27.68
C CYS C 38 -1.47 24.65 27.97
N ASP C 39 -2.63 25.06 27.53
CA ASP C 39 -3.08 26.40 27.93
C ASP C 39 -3.54 26.38 29.38
N GLY C 40 -4.01 25.27 29.86
CA GLY C 40 -4.28 25.21 31.25
C GLY C 40 -2.99 25.01 32.04
N THR C 41 -3.18 24.79 33.32
CA THR C 41 -2.13 24.25 34.12
C THR C 41 -1.74 22.85 33.60
N LEU C 42 -0.43 22.66 33.55
CA LEU C 42 0.23 21.51 32.97
C LEU C 42 0.14 20.33 33.91
N PRO C 43 -0.23 19.16 33.39
CA PRO C 43 -0.35 17.94 34.16
C PRO C 43 0.95 17.53 34.86
N PRO C 44 0.85 17.08 36.10
CA PRO C 44 2.05 16.73 36.86
C PRO C 44 2.92 15.71 36.16
N PHE C 45 2.31 14.76 35.46
CA PHE C 45 3.08 13.69 34.85
C PHE C 45 4.02 14.17 33.75
N VAL C 46 3.74 15.35 33.20
CA VAL C 46 4.52 15.85 32.07
C VAL C 46 5.98 16.15 32.37
N PRO C 47 6.26 16.87 33.45
CA PRO C 47 7.65 17.15 33.89
C PRO C 47 8.33 16.05 34.69
N VAL C 48 7.59 15.03 35.16
CA VAL C 48 8.10 14.06 36.09
C VAL C 48 7.85 12.67 35.52
N ALA C 49 8.90 11.90 35.30
CA ALA C 49 8.73 10.51 34.91
C ALA C 49 9.03 9.70 36.15
N ALA C 50 10.31 9.50 36.44
CA ALA C 50 10.72 8.85 37.67
C ALA C 50 10.83 9.90 38.71
N PRO C 51 10.33 9.58 39.89
CA PRO C 51 10.44 10.49 41.03
C PRO C 51 11.87 10.52 41.51
N PRO C 52 12.18 11.44 42.41
CA PRO C 52 13.55 11.65 42.83
C PRO C 52 14.30 10.44 43.43
N GLY C 53 13.61 9.66 44.27
CA GLY C 53 14.23 8.50 44.95
C GLY C 53 13.73 7.15 44.47
N ALA C 54 14.51 6.49 43.61
CA ALA C 54 14.19 5.16 43.04
C ALA C 54 15.46 4.58 42.36
N ALA C 55 15.41 3.36 41.83
CA ALA C 55 16.46 2.88 40.88
C ALA C 55 15.96 2.87 39.41
N THR C 56 14.93 3.66 39.13
CA THR C 56 14.48 3.90 37.77
C THR C 56 14.62 5.38 37.52
N MSE C 57 15.81 5.82 37.11
CA MSE C 57 16.10 7.20 36.83
C MSE C 57 15.70 7.56 35.44
O MSE C 57 16.52 8.01 34.67
CB MSE C 57 17.58 7.43 36.95
CG MSE C 57 18.00 8.08 38.20
SE MSE C 57 18.45 9.91 37.98
CE MSE C 57 17.62 10.30 36.34
N GLN C 58 14.45 7.35 35.10
CA GLN C 58 13.94 7.63 33.79
C GLN C 58 13.57 9.05 33.75
N THR C 59 14.19 9.79 32.85
CA THR C 59 13.82 11.17 32.56
C THR C 59 12.63 11.27 31.60
N PRO C 60 12.01 12.44 31.59
CA PRO C 60 10.86 12.60 30.72
C PRO C 60 11.22 12.49 29.27
N PHE C 61 12.45 12.85 28.92
CA PHE C 61 12.98 12.72 27.57
C PHE C 61 13.11 11.26 27.22
N HIS C 62 13.71 10.47 28.06
CA HIS C 62 13.85 9.07 27.71
C HIS C 62 12.48 8.37 27.74
N ARG C 63 11.55 8.90 28.49
CA ARG C 63 10.25 8.27 28.54
C ARG C 63 9.61 8.43 27.19
N MSE C 64 9.72 9.62 26.62
CA MSE C 64 9.06 9.83 25.38
C MSE C 64 9.79 9.10 24.30
O MSE C 64 9.21 8.59 23.38
CB MSE C 64 9.01 11.32 25.06
CG MSE C 64 8.00 11.68 23.94
SE MSE C 64 6.25 10.88 24.20
CE MSE C 64 5.49 12.26 25.34
N LEU C 65 11.10 9.07 24.42
CA LEU C 65 11.92 8.48 23.40
C LEU C 65 11.59 6.99 23.29
N ALA C 66 11.52 6.32 24.44
CA ALA C 66 11.28 4.90 24.47
C ALA C 66 9.89 4.58 23.88
N THR C 67 8.97 5.48 24.15
CA THR C 67 7.58 5.38 23.72
C THR C 67 7.43 5.52 22.23
N ALA C 68 8.12 6.49 21.68
CA ALA C 68 8.12 6.68 20.25
C ALA C 68 8.64 5.42 19.63
N ASP C 69 9.69 4.88 20.21
CA ASP C 69 10.27 3.70 19.68
C ASP C 69 9.33 2.56 19.75
N ASP C 70 8.71 2.37 20.91
CA ASP C 70 7.77 1.28 21.07
C ASP C 70 6.68 1.33 20.00
N LEU C 71 6.17 2.51 19.79
CA LEU C 71 5.07 2.69 18.88
C LEU C 71 5.48 2.36 17.50
N LEU C 72 6.64 2.84 17.11
CA LEU C 72 7.14 2.67 15.78
C LEU C 72 7.37 1.24 15.36
N PHE C 73 8.09 0.51 16.21
CA PHE C 73 8.41 -0.90 15.99
C PHE C 73 7.36 -1.88 16.37
N ASN C 74 6.69 -1.67 17.49
CA ASN C 74 5.74 -2.66 17.99
C ASN C 74 4.29 -2.25 17.93
N GLY C 75 4.00 -1.00 17.66
CA GLY C 75 2.60 -0.62 17.48
C GLY C 75 1.85 -0.21 18.75
N VAL C 76 2.50 -0.37 19.90
CA VAL C 76 1.88 -0.06 21.16
C VAL C 76 2.93 0.33 22.13
N ALA C 77 2.53 1.01 23.22
CA ALA C 77 3.48 1.36 24.30
C ALA C 77 2.71 1.42 25.56
N CYS C 78 3.38 1.22 26.70
CA CYS C 78 2.77 1.43 28.03
C CYS C 78 3.56 2.34 28.93
N TRP C 79 2.84 3.21 29.63
CA TRP C 79 3.40 3.94 30.77
C TRP C 79 2.77 3.33 31.98
N ALA C 80 3.55 3.17 33.04
CA ALA C 80 2.99 2.74 34.33
C ALA C 80 2.83 3.97 35.18
N LEU C 81 1.60 4.29 35.52
CA LEU C 81 1.33 5.54 36.18
C LEU C 81 1.50 5.42 37.69
N ASP C 82 2.06 6.47 38.28
CA ASP C 82 2.07 6.68 39.72
C ASP C 82 0.87 7.51 40.12
N ARG C 83 -0.19 6.85 40.56
CA ARG C 83 -1.36 7.59 41.08
C ARG C 83 -1.32 7.61 42.58
N ASP C 84 -1.54 8.78 43.15
CA ASP C 84 -1.55 8.89 44.61
C ASP C 84 -2.95 8.57 45.13
N GLU C 85 -3.22 8.89 46.39
CA GLU C 85 -4.43 8.38 47.00
C GLU C 85 -5.66 9.15 46.64
N SER C 86 -5.50 10.29 45.99
CA SER C 86 -6.63 11.01 45.40
C SER C 86 -6.94 10.50 44.00
N GLY C 87 -6.12 9.56 43.54
CA GLY C 87 -6.20 9.13 42.17
C GLY C 87 -5.62 10.09 41.14
N THR C 88 -4.82 11.05 41.58
CA THR C 88 -4.25 12.01 40.64
C THR C 88 -2.88 11.47 40.29
N CYS C 89 -2.61 11.39 39.00
CA CYS C 89 -1.37 10.82 38.50
C CYS C 89 -0.32 11.87 38.65
N ILE C 90 0.69 11.60 39.47
CA ILE C 90 1.73 12.61 39.72
C ILE C 90 3.06 12.34 38.99
N GLY C 91 3.16 11.19 38.33
CA GLY C 91 4.32 10.87 37.49
C GLY C 91 4.06 9.60 36.71
N ALA C 92 4.82 9.37 35.65
CA ALA C 92 4.57 8.21 34.84
C ALA C 92 5.89 7.75 34.23
N ILE C 93 6.11 6.46 34.21
CA ILE C 93 7.28 5.96 33.55
C ILE C 93 6.93 4.97 32.48
N HIS C 94 7.70 5.01 31.41
CA HIS C 94 7.62 4.01 30.39
C HIS C 94 8.19 2.73 30.87
N ILE C 95 7.53 1.65 30.55
CA ILE C 95 8.01 0.32 30.93
C ILE C 95 8.11 -0.55 29.69
N PRO C 96 9.02 -1.50 29.70
CA PRO C 96 9.33 -2.22 28.45
C PRO C 96 8.25 -3.12 28.04
N LEU C 97 8.21 -3.45 26.76
CA LEU C 97 7.11 -4.18 26.24
C LEU C 97 7.02 -5.53 26.83
N ASP C 98 8.17 -6.11 27.14
CA ASP C 98 8.22 -7.50 27.62
C ASP C 98 7.76 -7.64 29.04
N THR C 99 7.56 -6.53 29.72
CA THR C 99 7.03 -6.52 31.08
C THR C 99 5.54 -6.22 31.22
N TRP C 100 4.76 -6.17 30.15
CA TRP C 100 3.33 -6.03 30.32
C TRP C 100 2.57 -6.74 29.28
N GLN C 101 1.29 -6.94 29.51
CA GLN C 101 0.46 -7.54 28.47
C GLN C 101 -0.99 -7.40 28.80
N ILE C 102 -1.84 -7.75 27.84
CA ILE C 102 -3.30 -7.74 27.98
C ILE C 102 -3.92 -9.06 27.66
N GLU C 103 -4.59 -9.68 28.63
CA GLU C 103 -5.29 -10.95 28.41
C GLU C 103 -6.79 -10.71 28.61
N GLU C 104 -7.56 -10.84 27.52
CA GLU C 104 -9.01 -10.61 27.53
C GLU C 104 -9.14 -9.11 27.80
N ASN C 105 -9.68 -8.75 28.97
CA ASN C 105 -9.71 -7.36 29.43
C ASN C 105 -8.79 -7.05 30.59
N THR C 106 -7.74 -7.82 30.78
CA THR C 106 -6.95 -7.63 31.97
C THR C 106 -5.55 -7.24 31.56
N VAL C 107 -5.02 -6.22 32.21
CA VAL C 107 -3.68 -5.80 31.96
C VAL C 107 -2.87 -6.44 33.04
N ARG C 108 -1.76 -7.08 32.67
CA ARG C 108 -0.89 -7.67 33.65
C ARG C 108 0.46 -7.04 33.49
N VAL C 109 1.07 -6.63 34.58
CA VAL C 109 2.38 -6.09 34.55
C VAL C 109 3.18 -6.99 35.42
N ASN C 110 4.25 -7.53 34.84
CA ASN C 110 5.10 -8.50 35.55
C ASN C 110 4.41 -9.73 36.04
N GLY C 111 3.41 -10.17 35.28
CA GLY C 111 2.67 -11.40 35.56
C GLY C 111 1.51 -11.22 36.52
N LYS C 112 1.47 -10.06 37.17
CA LYS C 112 0.44 -9.78 38.16
C LYS C 112 -0.56 -8.84 37.49
N ALA C 113 -1.85 -9.21 37.51
CA ALA C 113 -2.94 -8.33 37.06
C ALA C 113 -2.89 -7.07 37.88
N VAL C 114 -3.36 -6.02 37.25
CA VAL C 114 -3.21 -4.70 37.79
C VAL C 114 -4.52 -3.95 37.51
N ASP C 115 -4.74 -2.89 38.23
CA ASP C 115 -5.87 -1.99 37.97
C ASP C 115 -5.64 -1.22 36.66
N PRO C 116 -6.63 -1.19 35.78
CA PRO C 116 -6.46 -0.48 34.53
C PRO C 116 -5.91 0.91 34.74
N MSE C 117 -6.22 1.46 35.89
CA MSE C 117 -5.96 2.82 36.11
C MSE C 117 -4.53 3.06 36.49
O MSE C 117 -4.13 4.19 36.66
CB MSE C 117 -6.84 3.25 37.25
CG MSE C 117 -7.03 4.70 37.27
SE MSE C 117 -8.71 5.12 36.50
CE MSE C 117 -9.78 4.94 38.22
N GLU C 118 -3.76 1.99 36.65
CA GLU C 118 -2.43 2.15 37.15
C GLU C 118 -1.55 2.22 35.94
N VAL C 119 -2.17 2.32 34.77
CA VAL C 119 -1.45 2.11 33.53
C VAL C 119 -2.00 3.01 32.45
N CYS C 120 -1.18 3.41 31.49
CA CYS C 120 -1.68 4.11 30.29
C CYS C 120 -1.09 3.59 29.02
N ILE C 121 -1.93 3.09 28.14
CA ILE C 121 -1.45 2.36 27.00
C ILE C 121 -1.74 3.13 25.76
N PHE C 122 -0.73 3.26 24.90
CA PHE C 122 -0.80 4.04 23.69
C PHE C 122 -0.87 3.14 22.48
N VAL C 123 -1.72 3.47 21.52
CA VAL C 123 -1.84 2.71 20.27
C VAL C 123 -1.25 3.52 19.11
N GLY C 124 -0.41 2.91 18.30
CA GLY C 124 0.35 3.67 17.34
C GLY C 124 -0.43 4.05 16.13
N ILE C 125 0.25 4.12 14.99
CA ILE C 125 -0.37 4.42 13.71
C ILE C 125 -0.52 3.19 12.82
N HIS C 126 0.09 2.09 13.23
CA HIS C 126 -0.05 0.80 12.55
C HIS C 126 0.38 -0.27 13.51
N GLY C 127 0.76 -1.43 13.04
CA GLY C 127 1.01 -2.53 13.94
C GLY C 127 2.46 -2.68 14.28
N GLY C 128 3.26 -1.74 13.83
CA GLY C 128 4.69 -1.80 14.11
C GLY C 128 5.48 -2.33 12.94
N LEU C 129 6.61 -1.69 12.71
CA LEU C 129 7.49 -2.08 11.66
C LEU C 129 8.02 -3.52 11.81
N LEU C 130 8.11 -3.99 13.03
CA LEU C 130 8.46 -5.36 13.23
C LEU C 130 7.43 -6.27 12.69
N THR C 131 6.18 -5.89 12.61
CA THR C 131 5.27 -6.73 11.86
C THR C 131 5.46 -6.39 10.38
N HIS C 132 5.26 -5.15 10.01
CA HIS C 132 5.07 -4.85 8.60
C HIS C 132 6.32 -4.92 7.79
N ALA C 133 7.42 -4.45 8.32
CA ALA C 133 8.58 -4.21 7.47
C ALA C 133 9.62 -5.26 7.72
N SER C 134 9.22 -6.38 8.31
CA SER C 134 10.22 -7.34 8.68
C SER C 134 10.94 -7.86 7.45
N GLU C 135 10.19 -8.23 6.44
CA GLU C 135 10.77 -8.71 5.19
C GLU C 135 11.67 -7.67 4.54
N THR C 136 11.33 -6.40 4.61
CA THR C 136 12.13 -5.42 3.87
C THR C 136 13.39 -5.16 4.64
N PHE C 137 13.35 -5.24 5.95
CA PHE C 137 14.59 -5.19 6.75
C PHE C 137 15.49 -6.38 6.53
N THR C 138 14.94 -7.56 6.32
CA THR C 138 15.77 -8.68 6.07
C THR C 138 16.48 -8.46 4.76
N ASP C 139 15.69 -8.15 3.76
CA ASP C 139 16.22 -7.82 2.47
C ASP C 139 17.28 -6.72 2.57
N ALA C 140 17.03 -5.71 3.38
CA ALA C 140 17.96 -4.58 3.45
C ALA C 140 19.27 -5.01 4.03
N ARG C 141 19.22 -5.87 5.04
CA ARG C 141 20.43 -6.25 5.67
C ARG C 141 21.08 -7.27 4.80
N ASN C 142 20.29 -8.12 4.18
CA ASN C 142 20.89 -9.25 3.42
C ASN C 142 21.66 -8.80 2.24
N LEU C 143 21.21 -7.70 1.66
CA LEU C 143 21.83 -7.07 0.51
C LEU C 143 23.23 -6.61 0.77
N VAL C 144 23.46 -6.08 1.95
CA VAL C 144 24.81 -5.63 2.29
C VAL C 144 25.76 -6.82 2.41
N ARG C 145 25.29 -7.90 3.01
CA ARG C 145 26.13 -9.12 3.21
C ARG C 145 26.48 -9.86 1.92
N ALA C 146 25.53 -9.91 1.02
CA ALA C 146 25.72 -10.45 -0.29
C ALA C 146 26.87 -9.72 -0.97
N ALA C 147 26.85 -8.40 -0.89
CA ALA C 147 27.86 -7.56 -1.55
C ALA C 147 29.22 -7.72 -0.94
N ALA C 148 29.25 -8.03 0.36
CA ALA C 148 30.50 -8.39 1.03
C ALA C 148 31.04 -9.75 0.53
N ARG C 149 30.20 -10.79 0.50
CA ARG C 149 30.57 -12.08 -0.09
C ARG C 149 30.97 -11.87 -1.51
N VAL C 150 30.06 -11.25 -2.23
CA VAL C 150 30.11 -11.24 -3.66
C VAL C 150 31.25 -10.46 -4.17
N ALA C 151 31.65 -9.41 -3.50
CA ALA C 151 32.55 -8.45 -4.18
C ALA C 151 33.84 -9.15 -4.60
N GLN C 152 34.36 -9.96 -3.69
CA GLN C 152 35.60 -10.67 -3.94
C GLN C 152 35.43 -12.05 -4.53
N ASN C 153 34.30 -12.72 -4.20
CA ASN C 153 33.93 -14.07 -4.73
C ASN C 153 32.59 -14.10 -5.42
N PRO C 154 32.53 -13.55 -6.61
CA PRO C 154 31.31 -13.33 -7.36
C PRO C 154 30.58 -14.56 -7.73
N ALA C 155 31.29 -15.66 -7.92
CA ALA C 155 30.67 -16.92 -8.34
C ALA C 155 30.29 -17.76 -7.12
N ALA C 156 29.00 -17.96 -6.95
CA ALA C 156 28.48 -18.70 -5.76
C ALA C 156 28.85 -20.15 -5.82
N LEU C 157 28.97 -20.72 -7.01
CA LEU C 157 29.18 -22.15 -7.11
C LEU C 157 30.38 -22.54 -7.93
N ILE C 158 31.24 -23.34 -7.37
CA ILE C 158 32.36 -23.92 -8.08
C ILE C 158 32.09 -25.39 -8.46
N GLU C 159 32.35 -25.72 -9.72
CA GLU C 159 32.17 -27.06 -10.22
C GLU C 159 33.53 -27.60 -10.47
N LEU C 160 33.77 -28.82 -10.03
CA LEU C 160 34.98 -29.56 -10.37
C LEU C 160 34.62 -30.60 -11.39
N ARG C 161 35.11 -30.46 -12.59
CA ARG C 161 34.59 -31.23 -13.64
C ARG C 161 35.66 -32.09 -14.19
N GLN C 162 35.40 -33.39 -14.31
CA GLN C 162 36.35 -34.26 -14.96
C GLN C 162 36.09 -34.30 -16.43
N THR C 163 37.18 -34.22 -17.18
CA THR C 163 37.15 -34.19 -18.62
C THR C 163 37.78 -35.43 -19.20
N ASN C 164 38.14 -36.36 -18.32
CA ASN C 164 38.99 -37.50 -18.64
C ASN C 164 38.41 -38.75 -18.09
N ASN C 165 38.67 -39.87 -18.76
CA ASN C 165 38.29 -41.18 -18.19
C ASN C 165 39.22 -41.62 -17.03
N ALA C 166 40.23 -40.79 -16.67
CA ALA C 166 41.21 -41.04 -15.58
C ALA C 166 40.62 -41.77 -14.37
N GLN C 167 41.30 -42.81 -13.88
CA GLN C 167 40.78 -43.54 -12.73
C GLN C 167 41.06 -42.64 -11.56
N LEU C 168 40.04 -42.34 -10.79
CA LEU C 168 40.22 -41.63 -9.54
C LEU C 168 39.37 -42.26 -8.46
N SER C 169 40.04 -42.59 -7.37
CA SER C 169 39.34 -43.02 -6.19
C SER C 169 38.49 -41.87 -5.72
N PRO C 170 37.47 -42.17 -4.98
CA PRO C 170 36.77 -41.13 -4.29
C PRO C 170 37.73 -40.36 -3.38
N ASP C 171 38.69 -41.06 -2.76
CA ASP C 171 39.64 -40.43 -1.88
C ASP C 171 40.48 -39.42 -2.66
N ASP C 172 40.87 -39.79 -3.86
CA ASP C 172 41.52 -38.89 -4.81
C ASP C 172 40.72 -37.60 -5.03
N VAL C 173 39.43 -37.75 -5.28
CA VAL C 173 38.56 -36.61 -5.46
C VAL C 173 38.45 -35.82 -4.18
N ASP C 174 38.13 -36.50 -3.07
CA ASP C 174 37.99 -35.87 -1.75
C ASP C 174 39.14 -34.96 -1.50
N ARG C 175 40.34 -35.43 -1.85
CA ARG C 175 41.57 -34.65 -1.70
C ARG C 175 41.56 -33.32 -2.45
N ILE C 176 41.17 -33.31 -3.72
CA ILE C 176 41.27 -32.07 -4.48
C ILE C 176 40.12 -31.18 -4.11
N ILE C 177 38.99 -31.78 -3.70
CA ILE C 177 37.85 -30.98 -3.27
C ILE C 177 38.27 -30.24 -2.07
N ASN C 178 39.00 -30.89 -1.19
CA ASN C 178 39.44 -30.23 0.03
C ASN C 178 40.42 -29.12 -0.20
N GLY C 179 41.34 -29.33 -1.11
CA GLY C 179 42.30 -28.30 -1.45
C GLY C 179 41.64 -27.03 -1.98
N TYR C 180 40.61 -27.20 -2.80
CA TYR C 180 39.84 -26.04 -3.27
C TYR C 180 39.02 -25.43 -2.17
N VAL C 181 38.48 -26.27 -1.32
CA VAL C 181 37.69 -25.78 -0.24
C VAL C 181 38.61 -24.90 0.63
N ALA C 182 39.85 -25.32 0.77
CA ALA C 182 40.82 -24.52 1.55
C ALA C 182 41.06 -23.18 0.86
N ALA C 183 41.22 -23.23 -0.45
CA ALA C 183 41.47 -22.04 -1.22
C ALA C 183 40.35 -21.08 -1.04
N ARG C 184 39.15 -21.56 -1.20
CA ARG C 184 37.97 -20.71 -1.15
C ARG C 184 37.75 -20.05 0.19
N ARG C 185 38.21 -20.71 1.25
CA ARG C 185 38.26 -20.07 2.59
C ARG C 185 39.52 -19.15 2.69
N GLY C 186 40.34 -19.06 1.63
CA GLY C 186 41.54 -18.22 1.66
C GLY C 186 42.83 -18.83 2.20
N ARG C 187 42.83 -20.10 2.59
CA ARG C 187 44.13 -20.72 2.96
C ARG C 187 44.95 -20.84 1.64
N ASN C 188 46.26 -20.89 1.75
CA ASN C 188 47.11 -21.00 0.58
C ASN C 188 46.93 -19.84 -0.44
N SER C 189 46.49 -18.69 0.08
CA SER C 189 46.36 -17.50 -0.74
C SER C 189 45.46 -17.68 -1.97
N GLY C 190 44.46 -18.54 -1.84
CA GLY C 190 43.48 -18.77 -2.89
C GLY C 190 43.93 -19.72 -3.95
N VAL C 191 45.02 -20.43 -3.74
CA VAL C 191 45.56 -21.28 -4.76
C VAL C 191 45.14 -22.71 -4.51
N GLY C 192 44.73 -23.38 -5.58
CA GLY C 192 44.25 -24.77 -5.51
C GLY C 192 44.84 -25.57 -6.64
N PHE C 193 44.74 -26.88 -6.56
CA PHE C 193 45.34 -27.72 -7.57
C PHE C 193 44.29 -28.60 -8.19
N SER C 194 44.37 -28.73 -9.52
CA SER C 194 43.50 -29.58 -10.32
C SER C 194 44.36 -30.63 -10.95
N SER C 195 44.11 -31.87 -10.51
CA SER C 195 44.77 -33.05 -10.96
C SER C 195 44.40 -33.23 -12.41
N SER C 196 44.98 -34.20 -13.07
CA SER C 196 44.92 -34.23 -14.50
C SER C 196 43.55 -34.52 -15.04
N GLY C 197 43.18 -33.72 -16.01
CA GLY C 197 41.92 -33.85 -16.72
C GLY C 197 40.76 -33.14 -16.03
N LEU C 198 41.01 -32.64 -14.81
CA LEU C 198 40.00 -32.01 -13.96
C LEU C 198 40.08 -30.54 -14.19
N GLU C 199 38.96 -29.87 -14.23
CA GLU C 199 38.91 -28.45 -14.56
C GLU C 199 37.94 -27.76 -13.60
N VAL C 200 38.29 -26.57 -13.10
CA VAL C 200 37.30 -25.84 -12.34
C VAL C 200 36.56 -24.90 -13.23
N HIS C 201 35.24 -24.84 -12.99
CA HIS C 201 34.34 -23.93 -13.69
C HIS C 201 33.51 -23.20 -12.68
N GLU C 202 33.40 -21.89 -12.90
CA GLU C 202 32.67 -20.97 -12.10
C GLU C 202 31.23 -20.88 -12.57
N HIS C 203 30.30 -20.82 -11.65
CA HIS C 203 28.90 -20.77 -11.99
C HIS C 203 28.21 -19.88 -11.01
N GLU C 204 27.10 -19.28 -11.45
CA GLU C 204 26.31 -18.38 -10.61
C GLU C 204 26.99 -17.05 -10.34
N MSE C 205 27.46 -16.42 -11.39
CA MSE C 205 28.12 -15.16 -11.19
C MSE C 205 27.08 -14.17 -10.81
O MSE C 205 26.09 -14.07 -11.48
CB MSE C 205 28.81 -14.68 -12.43
CG MSE C 205 29.91 -13.70 -12.10
SE MSE C 205 31.47 -14.80 -11.78
CE MSE C 205 32.89 -13.57 -12.51
N ALA C 206 27.32 -13.43 -9.75
CA ALA C 206 26.44 -12.38 -9.30
C ALA C 206 26.31 -11.24 -10.25
N LYS C 207 25.16 -10.59 -10.15
CA LYS C 207 24.84 -9.44 -10.97
C LYS C 207 25.20 -8.24 -10.21
N GLU C 208 26.28 -7.53 -10.55
CA GLU C 208 26.72 -6.47 -9.67
C GLU C 208 25.75 -5.31 -9.66
N ASN C 209 25.20 -5.00 -10.79
CA ASN C 209 24.23 -3.94 -10.82
C ASN C 209 23.00 -4.22 -10.01
N LEU C 210 22.54 -5.45 -9.99
CA LEU C 210 21.39 -5.73 -9.18
C LEU C 210 21.70 -5.39 -7.75
N LEU C 211 22.86 -5.80 -7.32
CA LEU C 211 23.24 -5.56 -5.96
C LEU C 211 23.47 -4.06 -5.69
N ILE C 212 23.96 -3.33 -6.67
CA ILE C 212 24.24 -1.92 -6.44
C ILE C 212 22.95 -1.10 -6.34
N GLU C 213 22.08 -1.28 -7.31
CA GLU C 213 20.78 -0.64 -7.26
C GLU C 213 19.97 -1.18 -6.13
N GLY C 214 20.14 -2.43 -5.78
CA GLY C 214 19.28 -3.02 -4.79
C GLY C 214 19.50 -2.38 -3.46
N ARG C 215 20.76 -2.02 -3.22
CA ARG C 215 21.13 -1.40 -1.99
C ARG C 215 20.42 -0.11 -1.82
N ASN C 216 20.39 0.70 -2.87
CA ASN C 216 19.74 1.97 -2.72
C ASN C 216 18.28 1.82 -2.59
N ALA C 217 17.73 0.95 -3.41
CA ALA C 217 16.33 0.60 -3.36
C ALA C 217 15.96 0.12 -1.95
N ALA C 218 16.84 -0.65 -1.34
CA ALA C 218 16.53 -1.15 -0.02
C ALA C 218 16.37 0.05 0.90
N ALA C 219 17.26 1.00 0.75
CA ALA C 219 17.23 2.20 1.57
C ALA C 219 15.90 2.95 1.40
N VAL C 220 15.47 3.15 0.16
CA VAL C 220 14.27 3.92 -0.10
C VAL C 220 13.08 3.17 0.54
N ASP C 221 13.09 1.85 0.49
CA ASP C 221 12.00 1.09 1.05
C ASP C 221 11.99 1.20 2.57
N VAL C 222 13.17 1.28 3.18
CA VAL C 222 13.22 1.56 4.62
C VAL C 222 12.64 2.93 4.90
N ALA C 223 13.02 3.90 4.08
CA ALA C 223 12.49 5.22 4.23
C ALA C 223 10.99 5.17 4.16
N ARG C 224 10.45 4.40 3.24
CA ARG C 224 9.02 4.38 3.01
C ARG C 224 8.29 3.77 4.17
N ALA C 225 8.76 2.62 4.63
CA ALA C 225 8.18 2.01 5.82
C ALA C 225 8.22 2.92 7.04
N MSE C 226 9.21 3.77 7.13
CA MSE C 226 9.35 4.50 8.34
C MSE C 226 8.81 5.89 8.20
O MSE C 226 8.96 6.71 9.10
CB MSE C 226 10.81 4.56 8.73
CG MSE C 226 11.42 3.20 8.69
SE MSE C 226 12.61 2.82 10.14
CE MSE C 226 11.59 3.73 11.57
N ASN C 227 8.15 6.16 7.08
CA ASN C 227 7.45 7.40 6.91
C ASN C 227 8.39 8.57 6.94
N VAL C 228 9.56 8.43 6.30
CA VAL C 228 10.49 9.52 6.19
C VAL C 228 10.83 9.62 4.73
N PRO C 229 11.19 10.81 4.25
CA PRO C 229 11.60 10.88 2.86
C PRO C 229 12.96 10.35 2.69
N ALA C 230 13.24 9.72 1.58
CA ALA C 230 14.52 9.10 1.34
C ALA C 230 15.70 10.08 1.37
N ALA C 231 15.52 11.29 0.85
CA ALA C 231 16.61 12.29 0.90
C ALA C 231 16.97 12.62 2.35
N PHE C 232 16.01 12.43 3.25
CA PHE C 232 16.30 12.57 4.66
C PHE C 232 17.25 11.52 5.20
N ILE C 233 17.26 10.32 4.66
CA ILE C 233 18.31 9.36 5.02
C ILE C 233 19.38 9.21 3.94
N ASP C 234 19.43 10.16 3.03
CA ASP C 234 20.47 10.19 2.03
C ASP C 234 20.36 9.05 1.02
N ALA C 235 19.15 8.59 0.80
CA ALA C 235 18.85 7.62 -0.23
C ALA C 235 18.60 8.43 -1.47
N THR C 236 18.93 7.92 -2.65
CA THR C 236 18.83 8.77 -3.81
C THR C 236 17.66 8.37 -4.67
N VAL C 237 17.01 9.38 -5.23
CA VAL C 237 15.82 9.19 -6.07
C VAL C 237 15.90 9.73 -7.52
N GLN C 245 16.47 22.18 1.89
CA GLN C 245 17.18 23.45 1.77
C GLN C 245 17.75 23.77 3.18
N ASN C 246 17.34 24.86 3.85
CA ASN C 246 17.77 25.16 5.24
C ASN C 246 17.16 24.29 6.35
N ALA C 247 17.69 24.46 7.56
CA ALA C 247 17.37 23.56 8.66
C ALA C 247 15.91 23.69 9.05
N ALA C 248 15.39 24.91 8.95
CA ALA C 248 14.04 25.18 9.41
C ALA C 248 13.01 24.47 8.55
N SER C 249 13.22 24.54 7.24
CA SER C 249 12.41 23.83 6.28
C SER C 249 12.54 22.35 6.35
N ARG C 250 13.74 21.85 6.57
CA ARG C 250 13.89 20.44 6.74
C ARG C 250 13.14 19.97 7.95
N MSE C 251 13.23 20.72 9.04
CA MSE C 251 12.53 20.34 10.24
C MSE C 251 10.99 20.38 10.02
O MSE C 251 10.29 19.49 10.49
CB MSE C 251 12.99 21.19 11.44
CG MSE C 251 12.49 20.78 12.80
SE MSE C 251 12.75 18.94 13.23
CE MSE C 251 14.47 19.06 14.08
N ILE C 252 10.48 21.38 9.32
CA ILE C 252 9.05 21.45 9.12
C ILE C 252 8.57 20.24 8.31
N GLU C 253 9.32 19.92 7.29
CA GLU C 253 9.00 18.81 6.46
C GLU C 253 8.98 17.54 7.26
N LEU C 254 10.00 17.36 8.10
CA LEU C 254 10.11 16.12 8.85
C LEU C 254 8.93 16.00 9.80
N VAL C 255 8.69 17.07 10.53
CA VAL C 255 7.57 17.14 11.44
C VAL C 255 6.26 16.96 10.70
N THR C 256 6.05 17.69 9.60
CA THR C 256 4.75 17.66 8.97
C THR C 256 4.34 16.27 8.51
N PHE C 257 5.20 15.59 7.78
CA PHE C 257 4.82 14.30 7.30
C PHE C 257 5.40 13.15 8.12
N GLY C 258 6.55 13.28 8.71
CA GLY C 258 7.09 12.15 9.46
C GLY C 258 6.61 11.95 10.88
N VAL C 259 6.60 13.01 11.65
CA VAL C 259 6.48 12.90 13.09
C VAL C 259 5.06 13.20 13.58
N GLU C 260 4.34 14.06 12.89
CA GLU C 260 3.03 14.46 13.40
C GLU C 260 2.06 13.31 13.53
N PRO C 261 2.17 12.29 12.68
CA PRO C 261 1.26 11.21 12.95
C PRO C 261 1.53 10.54 14.28
N LEU C 262 2.77 10.34 14.64
CA LEU C 262 3.05 9.76 15.93
C LEU C 262 2.72 10.71 17.03
N MSE C 263 2.97 11.97 16.82
CA MSE C 263 2.72 12.92 17.89
C MSE C 263 1.24 12.98 18.06
O MSE C 263 0.75 13.02 19.18
CB MSE C 263 3.24 14.29 17.53
CG MSE C 263 4.71 14.34 17.45
SE MSE C 263 5.36 16.15 17.09
CE MSE C 263 3.91 16.92 16.09
N SER C 264 0.53 12.95 16.94
CA SER C 264 -0.92 12.97 16.95
C SER C 264 -1.52 11.82 17.70
N ALA C 265 -0.95 10.64 17.56
CA ALA C 265 -1.44 9.44 18.23
C ALA C 265 -1.24 9.51 19.74
N ILE C 266 -0.07 10.00 20.14
CA ILE C 266 0.30 10.10 21.53
C ILE C 266 -0.63 11.11 22.16
N GLU C 267 -0.81 12.25 21.48
CA GLU C 267 -1.67 13.32 21.98
C GLU C 267 -3.04 12.80 22.25
N ALA C 268 -3.51 11.98 21.31
CA ALA C 268 -4.86 11.47 21.33
C ALA C 268 -5.17 10.78 22.65
N ARG C 269 -4.20 9.99 23.12
CA ARG C 269 -4.34 9.10 24.24
C ARG C 269 -4.22 9.94 25.45
N LEU C 270 -3.33 10.93 25.40
CA LEU C 270 -3.06 11.77 26.57
C LEU C 270 -4.22 12.66 26.79
N ASN C 271 -4.96 12.93 25.71
CA ASN C 271 -6.12 13.80 25.82
C ASN C 271 -7.42 13.06 26.08
N GLN C 272 -7.35 12.00 26.86
CA GLN C 272 -8.53 11.32 27.33
C GLN C 272 -8.63 11.58 28.83
N PRO C 273 -9.82 11.45 29.37
CA PRO C 273 -10.03 11.96 30.68
C PRO C 273 -9.23 11.28 31.72
N ASP C 274 -8.84 10.04 31.56
CA ASP C 274 -8.03 9.46 32.62
C ASP C 274 -6.66 10.10 32.71
N MSE C 275 -6.20 10.71 31.63
CA MSE C 275 -4.89 11.29 31.65
C MSE C 275 -4.93 12.77 31.77
O MSE C 275 -4.11 13.32 32.47
CB MSE C 275 -4.16 10.89 30.40
CG MSE C 275 -3.79 9.44 30.39
SE MSE C 275 -2.63 8.91 31.87
CE MSE C 275 -0.92 9.80 31.40
N HIS C 276 -5.85 13.41 31.08
CA HIS C 276 -5.99 14.85 31.15
C HIS C 276 -7.44 15.20 31.15
N ALA C 277 -7.97 15.54 32.32
CA ALA C 277 -9.43 15.69 32.47
C ALA C 277 -10.00 16.85 31.69
N ASP C 278 -9.20 17.89 31.57
CA ASP C 278 -9.60 19.11 30.94
C ASP C 278 -9.23 19.14 29.46
N HIS C 279 -9.15 17.97 28.85
CA HIS C 279 -8.72 17.93 27.47
C HIS C 279 -9.52 18.83 26.55
N LEU C 280 -10.80 18.99 26.78
CA LEU C 280 -11.67 19.67 25.81
C LEU C 280 -11.40 21.13 25.68
N ALA C 281 -11.39 21.83 26.82
CA ALA C 281 -11.13 23.28 26.93
C ALA C 281 -9.69 23.63 26.72
N ASN C 282 -8.81 22.84 27.31
CA ASN C 282 -7.37 23.06 27.21
C ASN C 282 -6.65 21.75 26.91
N PRO C 283 -6.65 21.36 25.63
CA PRO C 283 -5.98 20.15 25.26
C PRO C 283 -4.48 20.26 25.43
N LEU C 284 -3.84 19.10 25.42
CA LEU C 284 -2.45 18.97 25.75
C LEU C 284 -1.86 18.64 24.43
N LYS C 285 -0.93 19.47 23.94
CA LYS C 285 -0.47 19.38 22.56
C LYS C 285 1.04 19.42 22.60
N PHE C 286 1.67 18.71 21.67
CA PHE C 286 3.07 18.89 21.39
C PHE C 286 3.27 20.30 20.76
N ASP C 287 4.46 20.89 21.01
CA ASP C 287 4.80 22.20 20.49
C ASP C 287 6.05 22.15 19.63
N PRO C 288 5.90 21.73 18.35
CA PRO C 288 6.98 21.69 17.36
C PRO C 288 7.59 23.04 17.09
N ALA C 289 6.87 24.13 17.37
CA ALA C 289 7.37 25.46 17.18
C ALA C 289 8.59 25.62 18.05
N ALA C 290 8.57 24.99 19.22
CA ALA C 290 9.69 24.98 20.16
C ALA C 290 10.96 24.47 19.54
N LEU C 291 10.84 23.47 18.66
CA LEU C 291 11.99 22.94 18.00
C LEU C 291 12.59 23.99 17.10
N LEU C 292 11.74 24.74 16.41
CA LEU C 292 12.23 25.79 15.52
C LEU C 292 12.91 26.98 16.22
N ASP C 293 12.38 27.34 17.38
CA ASP C 293 12.94 28.43 18.19
C ASP C 293 14.32 28.10 18.70
N ALA C 294 14.56 26.82 18.98
CA ALA C 294 15.85 26.33 19.45
C ALA C 294 16.91 26.53 18.38
N ILE C 295 16.52 26.45 17.11
CA ILE C 295 17.46 26.71 16.01
C ILE C 295 17.92 28.12 16.12
N PRO C 296 19.24 28.32 16.21
CA PRO C 296 19.86 29.64 16.18
C PRO C 296 19.71 30.38 14.83
N THR C 297 20.05 31.66 14.80
CA THR C 297 20.03 32.45 13.53
C THR C 297 21.41 33.03 13.19
P PO4 D . -3.59 -2.02 10.92
O1 PO4 D . -4.71 -2.21 11.94
O2 PO4 D . -4.07 -1.26 9.63
O3 PO4 D . -2.47 -1.22 11.52
O4 PO4 D . -3.00 -3.41 10.65
C1 GOL E . 28.28 -22.72 -21.07
O1 GOL E . 29.21 -22.84 -20.00
C2 GOL E . 26.87 -22.99 -20.51
O2 GOL E . 25.86 -23.13 -21.54
C3 GOL E . 26.58 -22.00 -19.36
O3 GOL E . 26.95 -22.53 -18.07
S SO4 F . -24.67 2.10 -7.31
O1 SO4 F . -24.66 3.46 -6.80
O2 SO4 F . -23.77 1.90 -8.45
O3 SO4 F . -24.34 1.20 -6.21
O4 SO4 F . -26.04 1.84 -7.72
C1 GOL G . 21.22 -21.87 -26.13
O1 GOL G . 21.93 -22.08 -24.91
C2 GOL G . 22.02 -21.50 -27.39
O2 GOL G . 21.05 -21.64 -28.40
C3 GOL G . 23.17 -22.48 -27.76
O3 GOL G . 24.50 -21.98 -27.78
P PO4 H . -3.76 -0.76 15.27
O1 PO4 H . -5.00 -0.79 16.17
O2 PO4 H . -3.25 0.69 15.07
O3 PO4 H . -2.63 -1.63 15.82
O4 PO4 H . -4.21 -1.42 13.96
S SO4 I . 13.01 1.92 29.16
O1 SO4 I . 11.86 2.82 29.32
O2 SO4 I . 14.12 2.73 28.62
O3 SO4 I . 13.34 1.40 30.50
O4 SO4 I . 12.68 0.87 28.16
#